data_3BZ7
#
_entry.id   3BZ7
#
_cell.length_a   88.219
_cell.length_b   146.000
_cell.length_c   153.086
_cell.angle_alpha   90.00
_cell.angle_beta   90.00
_cell.angle_gamma   90.00
#
_symmetry.space_group_name_H-M   'C 2 2 21'
#
loop_
_entity.id
_entity.type
_entity.pdbx_description
1 polymer 'Myosin-2 heavy chain, non muscle'
2 non-polymer 'MAGNESIUM ION'
3 non-polymer 'VANADATE ION'
4 non-polymer (3aS)-3a-hydroxy-5-methyl-1-phenyl-1,2,3,3a-tetrahydro-4H-pyrrolo[2,3-b]quinolin-4-one
5 non-polymer "ADENOSINE-5'-DIPHOSPHATE"
6 water water
#
_entity_poly.entity_id   1
_entity_poly.type   'polypeptide(L)'
_entity_poly.pdbx_seq_one_letter_code
;GNPIHDRTSDYHKYLKVKQGDSDLFKLTVSDKRYIWYNPDPKERDSYECGEIVSETSDSFTFKTVDGQDRQVKKDDANQR
NPIKFDGVEDMSELSYLNEPAVFHNLRVRYNQDLIYTYSGLFLVAVNPFKRIPIYTQEMVDIFKGRRRNEVAPHIFAISD
VAYRSMLDDRQNQSLLITGESGAGKTENTKKVIQYLASVAGRNQANGSGVLEQQILQANPILEAFGNAKTTRNNNSSRFG
KFIEIQFNSAGFISGASIQSYLLEKSRVVFQSETERNYHIFYQLLAGATAEEKKALHLAGPESFNYLNQSGCVDIKGVSD
SEEFKITRQAMDIVGFSQEEQMSIFKIIAGILHLGNIKFEKGAGEGAVLKDKTALNAASTVFGVNPSVLEKALMEPRILA
GRDLVAQHLNVEKSSSSRDALVKALYGRLFLWLVKKINNVLCQERKAYFIGVLDISGFEIFKVNSFEQLCINYTNEKLQQ
FFNHHMFKLEQEEYLKEKINWTFIDFGLDSQATIDLIDGRQPPGILALLDEQSVFPNATDNTLITKLHSHFSKKNAKYEE
PRFSKTEFGVTHYAGQVMYEIQDWLEKNKDPLQQDLELCFKDSSDNVVTKLFNDPNIASRAKKGANFITVAAQYKEQLAS
LMATLETTNPHFVRCIIPNNKQLPAKLEDKVVLDQLRCNGVLEGIRITRKGFPNRIIYADFVKRYYLLAPNVPRDAEDSQ
KATDAVLKHLNIDPEQYRFGITKIFFRAGQLARIEEARELPN
;
_entity_poly.pdbx_strand_id   A
#
loop_
_chem_comp.id
_chem_comp.type
_chem_comp.name
_chem_comp.formula
ADP non-polymer ADENOSINE-5'-DIPHOSPHATE 'C10 H15 N5 O10 P2'
BL4 non-polymer (3aS)-3a-hydroxy-5-methyl-1-phenyl-1,2,3,3a-tetrahydro-4H-pyrrolo[2,3-b]quinolin-4-one 'C18 H16 N2 O2'
MG non-polymer 'MAGNESIUM ION' 'Mg 2'
VO4 non-polymer 'VANADATE ION' 'O4 V -3'
#
# COMPACT_ATOMS: atom_id res chain seq x y z
N ASN A 2 17.53 12.41 32.15
CA ASN A 2 17.21 12.53 30.69
C ASN A 2 17.72 11.30 29.97
N PRO A 3 16.80 10.42 29.50
CA PRO A 3 17.22 9.18 28.81
C PRO A 3 18.12 9.43 27.60
N ILE A 4 17.93 10.57 26.93
CA ILE A 4 18.66 10.96 25.73
C ILE A 4 20.18 10.97 25.97
N HIS A 5 20.57 11.41 27.16
CA HIS A 5 21.98 11.56 27.53
C HIS A 5 22.46 10.42 28.41
N ASP A 6 21.52 9.69 28.97
CA ASP A 6 21.81 8.54 29.83
C ASP A 6 22.01 7.26 29.01
N ARG A 7 23.23 6.70 29.03
CA ARG A 7 23.64 5.63 28.14
C ARG A 7 23.13 4.27 28.61
N THR A 8 22.53 4.22 29.75
CA THR A 8 21.93 3.01 30.30
C THR A 8 20.46 2.88 29.83
N SER A 9 19.85 3.99 29.42
CA SER A 9 18.43 4.01 29.08
C SER A 9 18.04 3.04 27.94
N ASP A 10 16.76 2.64 27.91
CA ASP A 10 16.22 1.86 26.80
C ASP A 10 16.36 2.61 25.49
N TYR A 11 16.19 3.93 25.53
CA TYR A 11 16.34 4.77 24.33
C TYR A 11 17.72 4.56 23.74
N HIS A 12 18.73 4.58 24.61
CA HIS A 12 20.11 4.40 24.15
C HIS A 12 20.35 3.00 23.62
N LYS A 13 19.81 2.03 24.35
CA LYS A 13 19.95 0.63 24.03
C LYS A 13 19.32 0.26 22.68
N TYR A 14 18.14 0.84 22.37
CA TYR A 14 17.35 0.38 21.22
C TYR A 14 17.29 1.33 20.02
N LEU A 15 17.72 2.58 20.23
CA LEU A 15 17.65 3.60 19.19
C LEU A 15 19.01 4.23 18.82
N LYS A 16 20.05 3.95 19.63
CA LYS A 16 21.37 4.54 19.41
C LYS A 16 22.42 3.51 19.01
N VAL A 17 23.43 3.94 18.25
CA VAL A 17 24.53 3.06 17.84
C VAL A 17 25.35 2.72 19.10
N LYS A 18 25.64 1.44 19.26
CA LYS A 18 26.43 0.95 20.39
C LYS A 18 27.86 1.51 20.34
N GLN A 19 28.41 1.81 21.52
CA GLN A 19 29.78 2.29 21.67
C GLN A 19 30.80 1.31 21.08
N GLY A 20 31.65 1.77 20.18
CA GLY A 20 32.69 0.89 19.63
C GLY A 20 33.79 0.64 20.65
N ASP A 21 34.61 -0.37 20.43
CA ASP A 21 35.66 -0.72 21.42
C ASP A 21 37.03 -0.26 20.93
N SER A 22 38.08 -0.52 21.72
CA SER A 22 39.42 0.00 21.39
C SER A 22 39.97 -0.54 20.08
N ASP A 23 39.64 -1.80 19.77
CA ASP A 23 39.96 -2.42 18.49
C ASP A 23 39.29 -1.68 17.33
N LEU A 24 38.01 -1.32 17.54
CA LEU A 24 37.34 -0.45 16.55
C LEU A 24 37.94 0.97 16.48
N PHE A 25 38.31 1.56 17.63
CA PHE A 25 39.00 2.88 17.59
C PHE A 25 40.24 2.81 16.75
N LYS A 26 41.04 1.75 16.98
CA LYS A 26 42.26 1.54 16.18
C LYS A 26 41.92 1.54 14.71
N LEU A 27 40.88 0.81 14.33
CA LEU A 27 40.48 0.77 12.90
C LEU A 27 39.99 2.14 12.43
N THR A 28 39.33 2.88 13.32
CA THR A 28 38.70 4.18 12.98
C THR A 28 39.72 5.30 12.65
N VAL A 29 40.90 5.25 13.29
CA VAL A 29 41.95 6.25 13.11
C VAL A 29 43.02 5.82 12.07
N SER A 30 42.88 4.60 11.56
CA SER A 30 43.71 4.08 10.46
C SER A 30 43.81 5.06 9.28
N ASP A 31 44.99 5.09 8.67
CA ASP A 31 45.25 5.86 7.46
C ASP A 31 44.86 5.09 6.20
N LYS A 32 44.50 3.84 6.28
CA LYS A 32 44.10 3.05 5.10
CA LYS A 32 44.07 3.13 5.14
C LYS A 32 42.82 3.57 4.46
N ARG A 33 42.69 3.38 3.15
CA ARG A 33 41.52 3.80 2.40
C ARG A 33 40.96 2.62 1.66
N TYR A 34 39.65 2.63 1.47
CA TYR A 34 38.91 1.48 0.95
C TYR A 34 37.92 1.84 -0.17
N ILE A 35 37.60 0.80 -0.95
CA ILE A 35 36.69 0.93 -2.09
C ILE A 35 35.65 -0.20 -2.01
N TRP A 36 34.44 0.09 -2.49
CA TRP A 36 33.45 -0.95 -2.68
C TRP A 36 33.54 -1.45 -4.11
N TYR A 37 33.77 -2.74 -4.31
CA TYR A 37 33.91 -3.31 -5.66
C TYR A 37 33.04 -4.57 -5.82
N ASN A 38 32.73 -4.90 -7.08
CA ASN A 38 32.01 -6.13 -7.46
C ASN A 38 32.96 -7.28 -7.76
N PRO A 39 33.02 -8.31 -6.89
CA PRO A 39 33.81 -9.48 -7.28
C PRO A 39 33.39 -10.05 -8.64
N ASP A 40 32.08 -10.00 -8.93
CA ASP A 40 31.55 -10.45 -10.21
C ASP A 40 30.88 -9.28 -10.93
N PRO A 41 31.51 -8.80 -12.02
CA PRO A 41 31.00 -7.66 -12.81
C PRO A 41 29.59 -7.89 -13.40
N LYS A 42 29.15 -9.15 -13.43
CA LYS A 42 27.78 -9.48 -13.77
C LYS A 42 26.83 -9.09 -12.64
N GLU A 43 27.32 -9.14 -11.41
CA GLU A 43 26.49 -8.94 -10.23
C GLU A 43 26.76 -7.60 -9.58
N ARG A 44 26.13 -6.55 -10.10
CA ARG A 44 26.54 -5.18 -9.81
C ARG A 44 26.15 -4.77 -8.39
N ASP A 45 25.28 -5.57 -7.78
CA ASP A 45 24.77 -5.26 -6.43
C ASP A 45 25.45 -6.05 -5.31
N SER A 46 26.36 -6.93 -5.68
CA SER A 46 27.07 -7.72 -4.71
C SER A 46 28.47 -7.13 -4.60
N TYR A 47 28.71 -6.48 -3.46
CA TYR A 47 29.95 -5.75 -3.24
C TYR A 47 30.78 -6.38 -2.16
N GLU A 48 32.10 -6.26 -2.30
CA GLU A 48 33.03 -6.48 -1.21
C GLU A 48 33.88 -5.23 -0.98
N CYS A 49 34.58 -5.22 0.16
CA CYS A 49 35.48 -4.12 0.49
C CYS A 49 36.94 -4.48 0.11
N GLY A 50 37.58 -3.62 -0.70
CA GLY A 50 38.99 -3.79 -1.03
C GLY A 50 39.84 -2.61 -0.56
N GLU A 51 41.05 -2.87 -0.04
CA GLU A 51 41.96 -1.80 0.34
C GLU A 51 42.60 -1.12 -0.87
N ILE A 52 42.50 0.21 -0.93
CA ILE A 52 43.23 0.96 -1.94
C ILE A 52 44.73 0.91 -1.59
N VAL A 53 45.52 0.28 -2.46
CA VAL A 53 46.96 0.14 -2.22
C VAL A 53 47.82 1.16 -2.97
N SER A 54 47.32 1.69 -4.09
CA SER A 54 48.02 2.72 -4.83
C SER A 54 47.07 3.54 -5.70
N GLU A 55 47.57 4.66 -6.23
CA GLU A 55 46.80 5.48 -7.15
C GLU A 55 47.71 6.16 -8.16
N THR A 56 47.14 6.47 -9.32
CA THR A 56 47.72 7.34 -10.33
C THR A 56 46.82 8.55 -10.33
N SER A 57 47.06 9.49 -11.23
CA SER A 57 46.19 10.65 -11.38
C SER A 57 44.73 10.30 -11.73
N ASP A 58 44.51 9.16 -12.39
CA ASP A 58 43.16 8.84 -12.87
C ASP A 58 42.61 7.48 -12.42
N SER A 59 43.38 6.75 -11.62
CA SER A 59 43.03 5.37 -11.25
C SER A 59 43.36 5.02 -9.80
N PHE A 60 42.70 3.98 -9.29
CA PHE A 60 43.02 3.37 -8.01
C PHE A 60 43.36 1.93 -8.29
N THR A 61 44.34 1.40 -7.56
CA THR A 61 44.60 -0.02 -7.49
C THR A 61 44.27 -0.48 -6.10
N PHE A 62 43.54 -1.60 -6.02
CA PHE A 62 43.07 -2.15 -4.75
C PHE A 62 43.15 -3.67 -4.67
N LYS A 63 43.27 -4.21 -3.46
CA LYS A 63 43.31 -5.64 -3.22
C LYS A 63 41.88 -6.14 -3.19
N THR A 64 41.66 -7.32 -3.76
CA THR A 64 40.38 -8.00 -3.66
C THR A 64 40.37 -8.89 -2.42
N VAL A 65 39.17 -9.38 -2.04
CA VAL A 65 39.03 -10.23 -0.86
C VAL A 65 39.89 -11.47 -0.96
N ASP A 66 39.96 -12.03 -2.18
CA ASP A 66 40.77 -13.19 -2.47
C ASP A 66 42.24 -12.83 -2.66
N GLN A 68 44.16 -10.72 -4.76
CA GLN A 68 44.48 -10.29 -6.12
C GLN A 68 44.26 -8.78 -6.25
N ASP A 69 45.00 -8.12 -7.15
CA ASP A 69 44.83 -6.68 -7.32
C ASP A 69 44.05 -6.33 -8.58
N ARG A 70 43.27 -5.24 -8.48
CA ARG A 70 42.51 -4.71 -9.60
C ARG A 70 42.65 -3.21 -9.67
N GLN A 71 42.46 -2.65 -10.86
CA GLN A 71 42.51 -1.21 -11.06
C GLN A 71 41.12 -0.74 -11.47
N VAL A 72 40.82 0.52 -11.20
CA VAL A 72 39.55 1.16 -11.55
C VAL A 72 39.78 2.66 -11.75
N LYS A 73 39.15 3.23 -12.77
CA LYS A 73 39.17 4.69 -12.94
C LYS A 73 38.54 5.34 -11.72
N LYS A 74 39.15 6.43 -11.26
CA LYS A 74 38.63 7.20 -10.14
C LYS A 74 37.20 7.67 -10.40
N ASP A 75 36.90 7.94 -11.66
CA ASP A 75 35.57 8.37 -12.07
C ASP A 75 34.51 7.25 -11.93
N ASP A 76 34.96 6.00 -11.90
CA ASP A 76 34.08 4.85 -11.77
C ASP A 76 34.10 4.27 -10.35
N ALA A 77 34.89 4.88 -9.48
CA ALA A 77 35.16 4.29 -8.16
C ALA A 77 34.05 4.58 -7.17
N ASN A 78 33.60 3.54 -6.46
CA ASN A 78 32.73 3.71 -5.31
C ASN A 78 33.55 3.66 -4.02
N GLN A 79 34.10 4.79 -3.58
CA GLN A 79 34.96 4.77 -2.39
C GLN A 79 34.14 4.45 -1.14
N ARG A 80 34.75 3.74 -0.20
CA ARG A 80 34.13 3.48 1.08
C ARG A 80 34.33 4.69 2.01
N ASN A 81 33.26 5.13 2.69
CA ASN A 81 33.41 6.19 3.69
C ASN A 81 34.33 5.83 4.83
N PRO A 82 35.06 6.83 5.34
CA PRO A 82 35.78 6.59 6.60
C PRO A 82 34.83 5.91 7.59
N ILE A 83 35.30 4.94 8.37
CA ILE A 83 34.37 4.11 9.16
C ILE A 83 33.72 4.84 10.34
N LYS A 84 34.23 6.03 10.69
CA LYS A 84 33.54 6.89 11.67
C LYS A 84 32.10 7.25 11.21
N PHE A 85 31.85 7.18 9.90
CA PHE A 85 30.47 7.38 9.34
C PHE A 85 29.53 6.18 9.43
N ASP A 86 30.07 5.02 9.77
CA ASP A 86 29.26 3.80 9.82
C ASP A 86 28.25 3.85 10.96
N GLY A 87 26.97 3.78 10.62
CA GLY A 87 25.92 3.97 11.62
C GLY A 87 25.37 5.38 11.70
N VAL A 88 25.84 6.28 10.84
CA VAL A 88 25.40 7.69 10.89
C VAL A 88 23.85 7.81 10.78
N GLU A 89 23.27 8.69 11.60
CA GLU A 89 21.79 8.85 11.63
C GLU A 89 21.16 9.55 10.43
N ASP A 90 21.93 10.46 9.79
CA ASP A 90 21.49 11.18 8.59
C ASP A 90 22.58 11.02 7.54
N MET A 91 22.25 10.31 6.46
CA MET A 91 23.25 9.98 5.44
C MET A 91 23.62 11.13 4.53
N SER A 92 22.92 12.26 4.62
CA SER A 92 23.38 13.45 3.91
C SER A 92 24.77 13.87 4.46
N GLU A 93 25.17 13.30 5.59
CA GLU A 93 26.47 13.59 6.18
C GLU A 93 27.62 12.79 5.57
N LEU A 94 27.33 11.73 4.80
CA LEU A 94 28.40 10.91 4.23
C LEU A 94 29.37 11.71 3.34
N SER A 95 30.67 11.45 3.40
CA SER A 95 31.56 12.10 2.42
C SER A 95 31.31 11.57 1.03
N TYR A 96 31.12 10.26 0.92
CA TYR A 96 30.90 9.62 -0.38
C TYR A 96 29.48 9.11 -0.50
N LEU A 97 28.68 9.77 -1.34
CA LEU A 97 27.34 9.32 -1.64
C LEU A 97 27.32 8.43 -2.88
N ASN A 98 27.47 7.13 -2.67
CA ASN A 98 27.22 6.14 -3.73
C ASN A 98 26.38 4.97 -3.23
N GLU A 99 26.00 4.09 -4.15
CA GLU A 99 25.08 2.99 -3.82
C GLU A 99 25.58 2.03 -2.72
N PRO A 100 26.77 1.44 -2.88
CA PRO A 100 27.20 0.53 -1.83
C PRO A 100 27.43 1.26 -0.46
N ALA A 101 27.84 2.52 -0.48
CA ALA A 101 28.03 3.28 0.78
C ALA A 101 26.69 3.50 1.49
N VAL A 102 25.67 3.91 0.72
CA VAL A 102 24.36 4.16 1.33
C VAL A 102 23.87 2.82 1.88
N PHE A 103 23.97 1.75 1.09
CA PHE A 103 23.53 0.44 1.55
C PHE A 103 24.32 0.00 2.76
N HIS A 104 25.64 0.25 2.76
CA HIS A 104 26.44 -0.17 3.90
C HIS A 104 25.96 0.53 5.19
N ASN A 105 25.67 1.82 5.12
CA ASN A 105 25.22 2.51 6.33
C ASN A 105 23.91 1.91 6.83
N LEU A 106 22.96 1.67 5.91
CA LEU A 106 21.70 1.04 6.32
C LEU A 106 21.98 -0.34 6.92
N ARG A 107 22.98 -1.13 6.31
CA ARG A 107 23.31 -2.38 6.84
CA ARG A 107 23.31 -2.36 6.86
C ARG A 107 23.88 -2.41 8.25
N VAL A 108 24.75 -1.37 8.55
CA VAL A 108 25.34 -1.27 9.88
C VAL A 108 24.25 -1.01 10.90
N ARG A 109 23.34 -0.11 10.54
CA ARG A 109 22.25 0.21 11.46
C ARG A 109 21.31 -0.99 11.66
N TYR A 110 20.90 -1.61 10.56
CA TYR A 110 20.01 -2.79 10.59
C TYR A 110 20.55 -3.96 11.41
N ASN A 111 21.85 -4.26 11.24
CA ASN A 111 22.56 -5.24 12.08
C ASN A 111 22.44 -5.03 13.58
N GLN A 112 22.20 -3.77 13.99
CA GLN A 112 21.96 -3.42 15.39
C GLN A 112 20.50 -3.13 15.64
N ASP A 113 19.60 -3.54 14.74
CA ASP A 113 18.16 -3.32 14.90
C ASP A 113 17.79 -1.82 14.93
N LEU A 114 18.61 -1.03 14.27
CA LEU A 114 18.30 0.37 14.08
C LEU A 114 17.64 0.48 12.69
N ILE A 115 16.32 0.45 12.67
CA ILE A 115 15.58 0.31 11.40
C ILE A 115 15.32 1.68 10.77
N TYR A 116 15.47 2.74 11.54
CA TYR A 116 15.20 4.08 11.03
C TYR A 116 16.49 4.85 10.77
N THR A 117 16.54 5.51 9.61
CA THR A 117 17.70 6.31 9.22
C THR A 117 17.19 7.47 8.40
N TYR A 118 17.74 8.67 8.62
CA TYR A 118 17.43 9.81 7.74
C TYR A 118 18.24 9.79 6.48
N SER A 119 17.60 10.25 5.43
CA SER A 119 18.28 10.32 4.17
C SER A 119 18.07 11.74 3.72
N GLY A 120 18.75 12.68 4.40
CA GLY A 120 18.45 14.09 4.23
C GLY A 120 17.12 14.42 4.86
N LEU A 121 16.21 14.94 4.05
CA LEU A 121 14.93 15.43 4.52
C LEU A 121 13.88 14.35 4.89
N PHE A 122 14.04 13.14 4.37
CA PHE A 122 13.03 12.09 4.61
C PHE A 122 13.62 10.93 5.38
N LEU A 123 12.72 10.15 5.96
CA LEU A 123 13.02 8.98 6.75
C LEU A 123 12.99 7.69 5.89
N VAL A 124 13.97 6.85 6.13
CA VAL A 124 14.02 5.49 5.55
C VAL A 124 13.76 4.53 6.71
N ALA A 125 12.90 3.53 6.47
CA ALA A 125 12.52 2.56 7.48
C ALA A 125 12.72 1.17 6.86
N VAL A 126 13.64 0.35 7.39
CA VAL A 126 13.85 -1.00 6.84
C VAL A 126 13.13 -2.01 7.73
N ASN A 127 12.22 -2.78 7.13
CA ASN A 127 11.38 -3.71 7.90
C ASN A 127 12.24 -4.70 8.70
N PRO A 128 12.09 -4.75 10.05
CA PRO A 128 12.87 -5.71 10.85
C PRO A 128 12.33 -7.15 10.76
N PHE A 129 11.06 -7.31 10.39
CA PHE A 129 10.40 -8.63 10.49
C PHE A 129 10.58 -9.29 11.86
N LYS A 130 10.58 -8.47 12.90
CA LYS A 130 10.52 -8.93 14.29
C LYS A 130 10.19 -7.75 15.15
N ARG A 131 9.76 -8.00 16.39
CA ARG A 131 9.35 -6.91 17.25
C ARG A 131 10.57 -6.25 17.86
N ILE A 132 10.55 -4.94 17.88
CA ILE A 132 11.62 -4.14 18.49
C ILE A 132 10.96 -3.16 19.47
N PRO A 133 11.46 -3.11 20.72
CA PRO A 133 10.66 -2.39 21.72
C PRO A 133 10.90 -0.89 21.70
N ILE A 134 10.54 -0.25 20.58
CA ILE A 134 10.80 1.18 20.43
C ILE A 134 9.51 1.99 20.32
N TYR A 135 8.39 1.36 20.61
CA TYR A 135 7.11 2.04 20.46
C TYR A 135 6.30 2.08 21.75
N THR A 136 6.98 1.99 22.89
CA THR A 136 6.28 2.04 24.19
C THR A 136 5.81 3.47 24.48
N GLN A 137 4.99 3.66 25.53
CA GLN A 137 4.63 5.02 25.96
C GLN A 137 5.86 5.82 26.39
N GLU A 138 6.82 5.12 26.99
CA GLU A 138 8.05 5.76 27.44
C GLU A 138 8.80 6.32 26.23
N MET A 139 8.74 5.58 25.11
CA MET A 139 9.37 6.04 23.86
C MET A 139 8.60 7.24 23.30
N VAL A 140 7.28 7.11 23.25
CA VAL A 140 6.44 8.23 22.83
C VAL A 140 6.83 9.49 23.62
N ASP A 141 6.95 9.36 24.94
CA ASP A 141 7.22 10.51 25.84
C ASP A 141 8.55 11.18 25.57
N ILE A 142 9.54 10.40 25.15
CA ILE A 142 10.85 10.97 24.83
C ILE A 142 10.82 11.87 23.59
N PHE A 143 10.01 11.49 22.62
CA PHE A 143 9.98 12.20 21.35
C PHE A 143 9.15 13.47 21.40
N LYS A 144 8.21 13.50 22.34
CA LYS A 144 7.24 14.61 22.41
C LYS A 144 7.96 15.96 22.45
N GLY A 145 7.72 16.78 21.45
CA GLY A 145 8.28 18.11 21.39
C GLY A 145 9.70 18.28 20.87
N ARG A 146 10.38 17.17 20.57
CA ARG A 146 11.80 17.28 20.24
C ARG A 146 12.00 17.56 18.75
N ARG A 147 12.93 18.47 18.46
CA ARG A 147 13.33 18.73 17.08
C ARG A 147 13.99 17.48 16.50
N ARG A 148 13.93 17.33 15.18
CA ARG A 148 14.47 16.13 14.53
C ARG A 148 15.94 15.83 14.89
N ASN A 149 16.75 16.90 14.92
CA ASN A 149 18.18 16.81 15.21
C ASN A 149 18.53 16.61 16.70
N GLU A 150 17.52 16.72 17.56
CA GLU A 150 17.68 16.49 19.00
C GLU A 150 17.58 15.03 19.42
N VAL A 151 17.05 14.17 18.54
CA VAL A 151 16.70 12.79 18.91
C VAL A 151 17.03 11.83 17.75
N ALA A 152 17.10 10.53 18.06
CA ALA A 152 17.47 9.51 17.08
C ALA A 152 16.39 9.38 16.01
N PRO A 153 16.74 8.84 14.83
CA PRO A 153 15.69 8.66 13.81
C PRO A 153 14.58 7.73 14.28
N HIS A 154 13.34 8.12 14.00
CA HIS A 154 12.18 7.33 14.43
C HIS A 154 11.00 7.88 13.66
N ILE A 155 10.04 7.01 13.37
CA ILE A 155 8.71 7.39 12.86
C ILE A 155 8.01 8.39 13.81
N PHE A 156 8.24 8.26 15.12
CA PHE A 156 7.71 9.26 16.09
C PHE A 156 8.24 10.65 15.87
N ALA A 157 9.51 10.77 15.49
CA ALA A 157 10.10 12.08 15.28
C ALA A 157 9.52 12.81 14.08
N ILE A 158 9.30 12.08 12.98
CA ILE A 158 8.69 12.73 11.81
CA ILE A 158 8.66 12.81 11.86
C ILE A 158 7.24 13.09 12.09
N SER A 159 6.56 12.26 12.87
CA SER A 159 5.20 12.52 13.31
C SER A 159 5.18 13.81 14.15
N ASP A 160 6.15 13.94 15.06
CA ASP A 160 6.18 15.17 15.90
C ASP A 160 6.47 16.39 15.05
N VAL A 161 7.41 16.27 14.11
CA VAL A 161 7.78 17.38 13.21
C VAL A 161 6.56 17.90 12.46
N ALA A 162 5.76 16.98 11.93
CA ALA A 162 4.55 17.35 11.18
C ALA A 162 3.54 18.05 12.11
N TYR A 163 3.44 17.55 13.34
CA TYR A 163 2.50 18.09 14.31
C TYR A 163 2.86 19.54 14.68
N ARG A 164 4.15 19.81 14.92
CA ARG A 164 4.59 21.19 15.26
C ARG A 164 4.46 22.10 14.04
N SER A 165 4.72 21.57 12.85
CA SER A 165 4.55 22.32 11.62
C SER A 165 3.09 22.70 11.43
N MET A 166 2.19 21.75 11.70
CA MET A 166 0.76 22.02 11.68
C MET A 166 0.38 23.18 12.63
N LEU A 167 0.86 23.14 13.86
CA LEU A 167 0.61 24.23 14.84
C LEU A 167 1.28 25.55 14.43
N ASP A 168 2.60 25.52 14.20
CA ASP A 168 3.36 26.76 13.88
C ASP A 168 2.97 27.43 12.57
N ASP A 169 2.61 26.63 11.56
CA ASP A 169 2.32 27.18 10.24
C ASP A 169 0.83 27.27 9.93
N ARG A 170 -0.01 26.73 10.82
CA ARG A 170 -1.47 26.67 10.62
C ARG A 170 -1.82 26.08 9.23
N GLN A 171 -1.13 24.98 8.89
CA GLN A 171 -1.23 24.37 7.57
C GLN A 171 -1.42 22.86 7.75
N ASN A 172 -2.33 22.28 6.97
CA ASN A 172 -2.54 20.82 7.02
C ASN A 172 -1.28 20.07 6.57
N GLN A 173 -1.02 18.91 7.19
CA GLN A 173 0.17 18.10 6.86
C GLN A 173 -0.22 16.72 6.30
N SER A 174 0.69 16.08 5.56
CA SER A 174 0.47 14.68 5.26
C SER A 174 1.74 13.88 5.47
N LEU A 175 1.56 12.59 5.81
CA LEU A 175 2.66 11.64 5.95
C LEU A 175 2.44 10.56 4.90
N LEU A 176 3.36 10.52 3.94
CA LEU A 176 3.20 9.67 2.77
C LEU A 176 4.21 8.54 2.91
N ILE A 177 3.68 7.33 3.14
CA ILE A 177 4.56 6.24 3.49
C ILE A 177 4.63 5.31 2.29
N THR A 178 5.79 5.25 1.62
CA THR A 178 5.88 4.49 0.40
C THR A 178 6.46 3.11 0.64
N GLY A 179 6.25 2.22 -0.32
CA GLY A 179 6.94 0.96 -0.28
C GLY A 179 6.29 -0.14 -1.08
N GLU A 180 7.10 -1.13 -1.49
CA GLU A 180 6.51 -2.30 -2.12
C GLU A 180 5.73 -3.14 -1.11
N SER A 181 4.94 -4.09 -1.59
CA SER A 181 4.20 -4.98 -0.70
C SER A 181 5.08 -5.62 0.39
N GLY A 182 4.64 -5.54 1.66
CA GLY A 182 5.36 -6.18 2.80
C GLY A 182 6.46 -5.28 3.39
N ALA A 183 6.65 -4.07 2.85
CA ALA A 183 7.79 -3.22 3.29
C ALA A 183 7.63 -2.58 4.68
N GLY A 184 6.39 -2.41 5.14
CA GLY A 184 6.11 -1.84 6.48
C GLY A 184 5.26 -0.57 6.52
N LYS A 185 4.55 -0.25 5.42
CA LYS A 185 3.66 0.91 5.39
C LYS A 185 2.58 0.91 6.46
N THR A 186 1.88 -0.21 6.58
CA THR A 186 0.75 -0.31 7.53
C THR A 186 1.22 -0.26 8.98
N GLU A 187 2.31 -0.95 9.27
CA GLU A 187 2.87 -0.89 10.63
C GLU A 187 3.30 0.51 10.99
N ASN A 188 3.99 1.20 10.10
CA ASN A 188 4.39 2.58 10.38
C ASN A 188 3.24 3.56 10.47
N THR A 189 2.24 3.38 9.59
CA THR A 189 0.98 4.14 9.67
C THR A 189 0.35 4.07 11.07
N LYS A 190 0.23 2.85 11.59
CA LYS A 190 -0.27 2.62 12.93
C LYS A 190 0.54 3.35 14.01
N LYS A 191 1.86 3.39 13.86
CA LYS A 191 2.71 4.13 14.81
C LYS A 191 2.51 5.62 14.78
N VAL A 192 2.32 6.16 13.58
CA VAL A 192 2.05 7.58 13.46
C VAL A 192 0.75 7.91 14.22
N ILE A 193 -0.28 7.11 14.00
CA ILE A 193 -1.61 7.33 14.62
C ILE A 193 -1.50 7.20 16.14
N GLN A 194 -0.81 6.15 16.60
CA GLN A 194 -0.48 5.96 18.00
C GLN A 194 0.13 7.22 18.60
N TYR A 195 1.15 7.75 17.93
CA TYR A 195 1.93 8.86 18.43
C TYR A 195 1.07 10.11 18.53
N LEU A 196 0.33 10.39 17.45
CA LEU A 196 -0.48 11.60 17.36
C LEU A 196 -1.58 11.58 18.41
N ALA A 197 -2.20 10.42 18.60
CA ALA A 197 -3.30 10.26 19.55
C ALA A 197 -2.84 10.46 20.99
N SER A 198 -1.60 10.04 21.24
CA SER A 198 -0.96 10.21 22.52
C SER A 198 -0.55 11.66 22.77
N VAL A 199 0.26 12.24 21.88
CA VAL A 199 0.76 13.59 22.14
C VAL A 199 -0.29 14.70 22.04
N ALA A 200 -1.41 14.44 21.35
CA ALA A 200 -2.44 15.47 21.17
C ALA A 200 -3.80 15.09 21.80
N GLY A 201 -3.81 14.02 22.61
CA GLY A 201 -5.06 13.44 23.14
C GLY A 201 -5.62 14.16 24.36
N ARG A 202 -6.90 13.90 24.68
CA ARG A 202 -7.58 14.46 25.86
C ARG A 202 -8.05 13.37 26.84
N VAL A 210 -11.73 7.94 25.19
CA VAL A 210 -12.72 7.18 24.41
C VAL A 210 -12.51 7.38 22.92
N LEU A 211 -12.62 8.62 22.44
CA LEU A 211 -12.42 8.93 21.02
C LEU A 211 -11.09 8.36 20.52
N GLU A 212 -10.01 8.65 21.25
CA GLU A 212 -8.68 8.13 20.98
C GLU A 212 -8.62 6.61 20.89
N GLN A 213 -9.28 5.94 21.83
CA GLN A 213 -9.32 4.48 21.84
C GLN A 213 -10.08 3.93 20.65
N GLN A 214 -11.12 4.66 20.22
CA GLN A 214 -11.91 4.26 19.07
C GLN A 214 -11.13 4.43 17.77
N ILE A 215 -10.37 5.51 17.68
CA ILE A 215 -9.50 5.75 16.50
C ILE A 215 -8.56 4.57 16.33
N LEU A 216 -8.00 4.11 17.43
CA LEU A 216 -7.07 2.99 17.41
C LEU A 216 -7.76 1.67 17.08
N GLN A 217 -8.96 1.49 17.65
CA GLN A 217 -9.71 0.26 17.47
C GLN A 217 -10.36 0.11 16.09
N ALA A 218 -10.36 1.17 15.29
CA ALA A 218 -10.77 1.11 13.90
C ALA A 218 -9.91 0.13 13.11
N ASN A 219 -8.65 0.02 13.51
CA ASN A 219 -7.70 -0.75 12.74
C ASN A 219 -7.86 -2.26 12.70
N PRO A 220 -8.06 -2.94 13.85
CA PRO A 220 -8.33 -4.37 13.76
C PRO A 220 -9.58 -4.66 12.93
N ILE A 221 -10.55 -3.75 12.94
CA ILE A 221 -11.77 -4.00 12.17
C ILE A 221 -11.41 -3.91 10.69
N LEU A 222 -10.74 -2.83 10.28
CA LEU A 222 -10.41 -2.68 8.83
C LEU A 222 -9.50 -3.82 8.34
N GLU A 223 -8.51 -4.21 9.16
CA GLU A 223 -7.60 -5.29 8.80
C GLU A 223 -8.26 -6.63 8.71
N ALA A 224 -9.20 -6.93 9.61
CA ALA A 224 -9.89 -8.21 9.54
C ALA A 224 -10.62 -8.37 8.20
N PHE A 225 -11.23 -7.28 7.74
CA PHE A 225 -12.06 -7.38 6.53
C PHE A 225 -11.29 -7.00 5.26
N GLY A 226 -10.20 -6.26 5.41
CA GLY A 226 -9.55 -5.69 4.22
C GLY A 226 -8.12 -6.17 3.97
N ASN A 227 -7.60 -6.97 4.90
CA ASN A 227 -6.25 -7.57 4.78
C ASN A 227 -6.30 -9.10 4.60
N ALA A 228 -5.26 -9.64 3.95
CA ALA A 228 -5.20 -11.09 3.66
C ALA A 228 -3.76 -11.50 3.45
N LYS A 229 -3.49 -12.79 3.65
CA LYS A 229 -2.21 -13.38 3.23
C LYS A 229 -2.03 -13.41 1.71
N THR A 230 -1.04 -12.68 1.20
CA THR A 230 -0.57 -12.92 -0.16
C THR A 230 0.81 -13.61 -0.08
N THR A 231 1.38 -13.93 -1.23
CA THR A 231 2.73 -14.52 -1.29
C THR A 231 3.81 -13.50 -0.88
N ARG A 232 3.43 -12.21 -0.82
CA ARG A 232 4.38 -11.15 -0.43
C ARG A 232 4.26 -10.63 1.03
N ASN A 233 3.11 -10.84 1.65
CA ASN A 233 2.86 -10.32 2.97
C ASN A 233 1.74 -11.10 3.61
N ASN A 234 2.00 -11.68 4.80
CA ASN A 234 0.99 -12.42 5.53
C ASN A 234 -0.16 -11.53 6.00
N ASN A 235 0.07 -10.23 6.04
CA ASN A 235 -0.95 -9.26 6.41
C ASN A 235 -1.10 -8.12 5.37
N SER A 236 -1.19 -8.50 4.09
CA SER A 236 -1.32 -7.53 3.01
C SER A 236 -2.63 -6.73 3.06
N SER A 237 -2.53 -5.41 3.00
CA SER A 237 -3.65 -4.51 2.80
C SER A 237 -4.14 -4.65 1.39
N ARG A 238 -5.40 -5.07 1.22
CA ARG A 238 -5.97 -5.23 -0.12
C ARG A 238 -6.89 -4.04 -0.50
N PHE A 239 -6.74 -2.95 0.25
CA PHE A 239 -7.39 -1.67 -0.03
C PHE A 239 -6.40 -0.63 0.48
N GLY A 240 -6.39 0.55 -0.17
CA GLY A 240 -5.60 1.66 0.30
C GLY A 240 -6.48 2.56 1.18
N LYS A 241 -5.83 3.34 2.06
CA LYS A 241 -6.58 4.31 2.86
C LYS A 241 -5.80 5.59 3.07
N PHE A 242 -6.53 6.67 3.31
CA PHE A 242 -5.95 7.93 3.76
C PHE A 242 -6.64 8.30 5.07
N ILE A 243 -5.88 8.36 6.15
CA ILE A 243 -6.48 8.60 7.47
C ILE A 243 -6.28 10.05 7.84
N GLU A 244 -7.35 10.82 8.02
CA GLU A 244 -7.20 12.21 8.49
C GLU A 244 -7.32 12.19 9.99
N ILE A 245 -6.24 12.51 10.68
CA ILE A 245 -6.34 12.79 12.11
C ILE A 245 -6.68 14.30 12.23
N GLN A 246 -7.79 14.61 12.88
CA GLN A 246 -8.32 15.98 12.90
C GLN A 246 -8.00 16.63 14.23
N PHE A 247 -7.67 17.93 14.20
CA PHE A 247 -7.27 18.66 15.41
C PHE A 247 -8.07 19.97 15.52
N ASN A 248 -8.45 20.38 16.73
CA ASN A 248 -9.06 21.72 16.89
C ASN A 248 -7.96 22.77 16.82
N SER A 249 -8.34 24.05 16.97
CA SER A 249 -7.41 25.19 16.88
C SER A 249 -6.31 25.14 17.94
N ALA A 250 -6.61 24.50 19.07
CA ALA A 250 -5.65 24.39 20.16
C ALA A 250 -4.66 23.23 19.95
N GLY A 251 -4.89 22.41 18.93
CA GLY A 251 -3.95 21.32 18.63
C GLY A 251 -4.26 20.00 19.31
N PHE A 252 -5.43 19.92 19.95
CA PHE A 252 -5.89 18.65 20.49
C PHE A 252 -6.63 17.89 19.39
N ILE A 253 -6.53 16.57 19.43
CA ILE A 253 -7.30 15.69 18.57
C ILE A 253 -8.80 15.85 18.80
N SER A 254 -9.55 16.07 17.73
CA SER A 254 -10.99 16.34 17.83
C SER A 254 -11.79 15.31 17.04
N GLY A 255 -11.06 14.50 16.26
CA GLY A 255 -11.72 13.43 15.55
C GLY A 255 -10.80 12.78 14.54
N ALA A 256 -11.42 12.04 13.63
CA ALA A 256 -10.69 11.35 12.53
C ALA A 256 -11.66 10.89 11.47
N SER A 257 -11.14 10.75 10.25
CA SER A 257 -11.89 10.29 9.10
C SER A 257 -11.01 9.37 8.25
N ILE A 258 -11.61 8.27 7.82
CA ILE A 258 -10.90 7.26 7.00
C ILE A 258 -11.51 7.31 5.62
N GLN A 259 -10.70 7.70 4.64
CA GLN A 259 -11.07 7.48 3.26
C GLN A 259 -10.50 6.12 2.85
N SER A 260 -11.38 5.19 2.50
CA SER A 260 -10.90 3.93 1.93
C SER A 260 -11.04 3.96 0.42
N TYR A 261 -10.14 3.26 -0.24
CA TYR A 261 -10.13 3.22 -1.68
C TYR A 261 -10.53 1.82 -2.11
N LEU A 262 -10.59 1.60 -3.41
CA LEU A 262 -11.17 0.39 -3.96
C LEU A 262 -10.56 -0.87 -3.33
N LEU A 263 -11.41 -1.79 -2.94
CA LEU A 263 -11.00 -3.04 -2.30
C LEU A 263 -10.81 -4.14 -3.36
N GLU A 264 -9.79 -4.99 -3.20
CA GLU A 264 -9.66 -6.17 -4.07
C GLU A 264 -10.78 -7.24 -3.85
N LYS A 265 -12.00 -6.93 -4.29
CA LYS A 265 -13.17 -7.83 -4.07
C LYS A 265 -12.98 -9.20 -4.67
N SER A 266 -12.22 -9.29 -5.74
CA SER A 266 -12.03 -10.62 -6.41
C SER A 266 -11.43 -11.67 -5.48
N ARG A 267 -10.67 -11.25 -4.45
CA ARG A 267 -10.06 -12.22 -3.51
C ARG A 267 -11.14 -13.07 -2.77
N VAL A 268 -12.33 -12.50 -2.59
CA VAL A 268 -13.42 -13.22 -1.91
C VAL A 268 -13.71 -14.55 -2.59
N VAL A 269 -13.66 -14.57 -3.92
CA VAL A 269 -14.08 -15.72 -4.69
C VAL A 269 -12.94 -16.55 -5.24
N PHE A 270 -11.71 -16.03 -5.20
CA PHE A 270 -10.57 -16.75 -5.77
C PHE A 270 -9.28 -16.36 -5.03
N GLN A 271 -8.42 -17.35 -4.73
CA GLN A 271 -7.06 -17.05 -4.21
C GLN A 271 -6.05 -17.98 -4.86
N SER A 272 -4.91 -17.40 -5.26
CA SER A 272 -3.79 -18.13 -5.79
C SER A 272 -3.20 -19.09 -4.75
N GLU A 273 -2.47 -20.10 -5.22
CA GLU A 273 -1.84 -21.08 -4.33
C GLU A 273 -1.06 -20.43 -3.19
N THR A 274 -1.23 -20.96 -1.98
CA THR A 274 -0.61 -20.52 -0.71
C THR A 274 -1.19 -19.24 -0.09
N GLU A 275 -2.03 -18.51 -0.84
CA GLU A 275 -2.61 -17.27 -0.30
C GLU A 275 -3.83 -17.61 0.56
N ARG A 276 -4.35 -16.62 1.27
CA ARG A 276 -5.64 -16.78 1.95
C ARG A 276 -6.65 -15.78 1.39
N ASN A 277 -7.93 -16.07 1.60
CA ASN A 277 -8.99 -15.07 1.53
C ASN A 277 -8.81 -14.06 2.68
N TYR A 278 -9.74 -13.11 2.79
CA TYR A 278 -9.68 -12.11 3.88
C TYR A 278 -9.68 -12.81 5.24
N HIS A 279 -8.95 -12.22 6.20
CA HIS A 279 -8.70 -12.84 7.52
C HIS A 279 -10.01 -13.17 8.24
N ILE A 280 -11.00 -12.25 8.13
CA ILE A 280 -12.31 -12.42 8.80
C ILE A 280 -12.95 -13.80 8.58
N PHE A 281 -12.85 -14.37 7.38
CA PHE A 281 -13.39 -15.71 7.14
C PHE A 281 -12.81 -16.76 8.10
N TYR A 282 -11.49 -16.74 8.25
CA TYR A 282 -10.80 -17.70 9.12
C TYR A 282 -11.08 -17.39 10.58
N GLN A 283 -11.16 -16.10 10.90
CA GLN A 283 -11.45 -15.64 12.25
C GLN A 283 -12.82 -16.15 12.74
N LEU A 284 -13.84 -15.98 11.92
CA LEU A 284 -15.19 -16.51 12.25
C LEU A 284 -15.18 -18.02 12.43
N LEU A 285 -14.66 -18.75 11.46
CA LEU A 285 -14.73 -20.19 11.54
C LEU A 285 -13.97 -20.75 12.75
N ALA A 286 -12.88 -20.06 13.11
CA ALA A 286 -12.01 -20.46 14.23
C ALA A 286 -12.56 -19.99 15.57
N GLY A 287 -13.15 -18.81 15.59
CA GLY A 287 -13.47 -18.16 16.85
C GLY A 287 -14.92 -18.18 17.30
N ALA A 288 -15.85 -18.62 16.44
CA ALA A 288 -17.31 -18.57 16.74
C ALA A 288 -17.72 -19.52 17.86
N THR A 289 -18.75 -19.14 18.61
CA THR A 289 -19.31 -19.99 19.68
C THR A 289 -19.88 -21.27 19.10
N ALA A 290 -20.19 -22.20 20.00
CA ALA A 290 -20.60 -23.55 19.58
C ALA A 290 -21.80 -23.50 18.68
N GLU A 291 -22.78 -22.71 19.10
CA GLU A 291 -24.05 -22.61 18.41
C GLU A 291 -24.16 -21.30 17.67
N GLU A 292 -23.11 -20.48 17.73
CA GLU A 292 -22.89 -19.48 16.69
C GLU A 292 -22.74 -20.30 15.41
N LYS A 293 -21.86 -21.30 15.46
CA LYS A 293 -21.57 -22.15 14.31
C LYS A 293 -22.77 -22.97 13.85
N LYS A 294 -23.62 -23.38 14.80
CA LYS A 294 -24.86 -24.08 14.48
C LYS A 294 -25.88 -23.14 13.86
N ALA A 295 -26.04 -21.96 14.45
CA ALA A 295 -26.95 -20.95 13.96
C ALA A 295 -26.60 -20.46 12.54
N LEU A 296 -25.30 -20.47 12.22
CA LEU A 296 -24.82 -19.97 10.91
C LEU A 296 -24.51 -21.08 9.93
N HIS A 297 -24.75 -22.32 10.36
CA HIS A 297 -24.48 -23.53 9.59
C HIS A 297 -23.00 -23.63 9.16
N LEU A 298 -22.08 -23.29 10.06
CA LEU A 298 -20.65 -23.23 9.71
C LEU A 298 -20.00 -24.56 9.99
N ALA A 299 -18.96 -24.92 9.23
CA ALA A 299 -18.06 -26.02 9.54
C ALA A 299 -16.63 -25.43 9.46
N GLY A 300 -15.64 -26.23 9.10
CA GLY A 300 -14.26 -25.74 8.96
C GLY A 300 -13.95 -25.17 7.57
N PRO A 301 -12.80 -24.48 7.41
CA PRO A 301 -12.55 -23.81 6.11
C PRO A 301 -12.50 -24.80 4.97
N GLU A 302 -12.09 -26.03 5.28
CA GLU A 302 -11.93 -27.04 4.25
C GLU A 302 -13.24 -27.35 3.51
N SER A 303 -14.35 -27.04 4.17
CA SER A 303 -15.70 -27.32 3.68
C SER A 303 -16.22 -26.26 2.73
N PHE A 304 -15.49 -25.15 2.56
CA PHE A 304 -15.96 -24.02 1.75
C PHE A 304 -15.10 -23.75 0.53
N ASN A 305 -15.74 -23.75 -0.64
CA ASN A 305 -15.06 -23.46 -1.89
CA ASN A 305 -15.09 -23.38 -1.84
C ASN A 305 -14.24 -22.19 -1.83
N TYR A 306 -14.72 -21.18 -1.13
CA TYR A 306 -14.03 -19.89 -1.12
C TYR A 306 -12.78 -19.86 -0.20
N LEU A 307 -12.53 -20.96 0.53
CA LEU A 307 -11.41 -21.06 1.50
C LEU A 307 -10.60 -22.35 1.33
N ASN A 308 -10.99 -23.21 0.40
CA ASN A 308 -10.34 -24.51 0.30
C ASN A 308 -9.57 -24.73 -0.98
N GLN A 309 -9.31 -23.65 -1.73
CA GLN A 309 -8.69 -23.76 -3.03
C GLN A 309 -7.17 -23.50 -3.02
N SER A 310 -6.72 -22.62 -2.14
CA SER A 310 -5.32 -22.15 -2.16
C SER A 310 -4.38 -23.14 -1.47
N GLY A 311 -4.94 -24.01 -0.64
CA GLY A 311 -4.18 -25.00 0.11
C GLY A 311 -3.63 -24.41 1.39
N CYS A 312 -3.98 -23.15 1.68
CA CYS A 312 -3.55 -22.50 2.93
C CYS A 312 -4.73 -21.93 3.72
N VAL A 313 -4.92 -22.40 4.94
CA VAL A 313 -5.95 -21.90 5.85
C VAL A 313 -5.44 -21.26 7.14
N ASP A 314 -4.12 -21.35 7.39
CA ASP A 314 -3.48 -20.87 8.64
C ASP A 314 -2.28 -20.02 8.26
N ILE A 315 -1.96 -19.04 9.11
CA ILE A 315 -0.76 -18.23 8.94
C ILE A 315 0.16 -18.52 10.15
N LYS A 316 1.43 -18.83 9.87
CA LYS A 316 2.39 -19.08 10.95
C LYS A 316 2.39 -17.94 11.96
N GLY A 317 2.26 -18.28 13.23
CA GLY A 317 2.37 -17.26 14.25
C GLY A 317 1.07 -16.52 14.48
N VAL A 318 0.01 -16.89 13.74
CA VAL A 318 -1.29 -16.23 13.92
C VAL A 318 -2.38 -17.20 14.43
N SER A 319 -3.07 -16.80 15.47
CA SER A 319 -4.23 -17.53 15.98
C SER A 319 -5.46 -16.78 15.51
N ASP A 320 -6.16 -17.35 14.52
CA ASP A 320 -7.38 -16.72 14.01
C ASP A 320 -8.48 -16.61 15.08
N SER A 321 -8.55 -17.59 15.99
CA SER A 321 -9.55 -17.50 17.07
C SER A 321 -9.23 -16.35 18.02
N GLU A 322 -7.96 -16.13 18.35
CA GLU A 322 -7.57 -14.99 19.17
CA GLU A 322 -7.60 -14.90 19.21
C GLU A 322 -7.81 -13.68 18.43
N GLU A 323 -7.53 -13.67 17.15
CA GLU A 323 -7.79 -12.45 16.36
C GLU A 323 -9.29 -12.11 16.30
N PHE A 324 -10.13 -13.13 16.21
CA PHE A 324 -11.59 -12.91 16.19
C PHE A 324 -12.05 -12.20 17.47
N LYS A 325 -11.50 -12.63 18.60
CA LYS A 325 -11.75 -11.98 19.90
C LYS A 325 -11.36 -10.50 19.85
N ILE A 326 -10.21 -10.20 19.26
CA ILE A 326 -9.73 -8.83 19.13
C ILE A 326 -10.64 -8.02 18.17
N THR A 327 -11.01 -8.64 17.06
CA THR A 327 -11.97 -7.98 16.14
C THR A 327 -13.30 -7.59 16.83
N ARG A 328 -13.92 -8.56 17.52
CA ARG A 328 -15.16 -8.30 18.26
C ARG A 328 -15.04 -7.25 19.36
N GLN A 329 -13.91 -7.25 20.08
CA GLN A 329 -13.64 -6.22 21.11
C GLN A 329 -13.55 -4.84 20.48
N ALA A 330 -12.92 -4.79 19.30
CA ALA A 330 -12.85 -3.53 18.57
C ALA A 330 -14.22 -3.08 18.12
N MET A 331 -15.03 -4.01 17.59
CA MET A 331 -16.42 -3.65 17.21
C MET A 331 -17.24 -3.08 18.40
N ASP A 332 -17.08 -3.68 19.57
CA ASP A 332 -17.74 -3.19 20.81
C ASP A 332 -17.30 -1.78 21.13
N ILE A 333 -15.98 -1.54 21.14
CA ILE A 333 -15.44 -0.21 21.47
C ILE A 333 -15.88 0.87 20.50
N VAL A 334 -15.84 0.57 19.20
CA VAL A 334 -16.32 1.48 18.20
C VAL A 334 -17.82 1.73 18.31
N GLY A 335 -18.58 0.71 18.68
CA GLY A 335 -20.00 0.90 19.01
C GLY A 335 -20.99 0.18 18.12
N PHE A 336 -20.52 -0.81 17.37
CA PHE A 336 -21.41 -1.71 16.67
C PHE A 336 -22.26 -2.48 17.68
N SER A 337 -23.57 -2.44 17.50
CA SER A 337 -24.48 -3.14 18.38
C SER A 337 -24.33 -4.67 18.25
N GLN A 338 -24.87 -5.40 19.22
CA GLN A 338 -24.87 -6.84 19.18
C GLN A 338 -25.64 -7.40 17.98
N GLU A 339 -26.74 -6.76 17.64
CA GLU A 339 -27.53 -7.19 16.49
C GLU A 339 -26.73 -6.92 15.20
N GLU A 340 -26.06 -5.77 15.15
CA GLU A 340 -25.22 -5.40 14.00
C GLU A 340 -24.08 -6.38 13.79
N GLN A 341 -23.42 -6.77 14.88
CA GLN A 341 -22.33 -7.72 14.79
C GLN A 341 -22.82 -9.06 14.29
N MET A 342 -23.98 -9.49 14.80
CA MET A 342 -24.52 -10.75 14.36
C MET A 342 -24.87 -10.74 12.86
N SER A 343 -25.45 -9.65 12.37
CA SER A 343 -25.73 -9.47 10.94
C SER A 343 -24.46 -9.42 10.06
N ILE A 344 -23.42 -8.72 10.53
CA ILE A 344 -22.10 -8.76 9.87
C ILE A 344 -21.67 -10.20 9.72
N PHE A 345 -21.73 -10.98 10.81
CA PHE A 345 -21.33 -12.38 10.74
C PHE A 345 -22.24 -13.26 9.90
N LYS A 346 -23.55 -12.96 9.88
CA LYS A 346 -24.48 -13.63 8.96
C LYS A 346 -24.10 -13.40 7.48
N ILE A 347 -23.71 -12.17 7.17
CA ILE A 347 -23.24 -11.83 5.79
C ILE A 347 -21.99 -12.63 5.42
N ILE A 348 -21.01 -12.69 6.34
CA ILE A 348 -19.78 -13.49 6.09
C ILE A 348 -20.14 -14.96 5.85
N ALA A 349 -21.00 -15.52 6.71
CA ALA A 349 -21.42 -16.94 6.59
C ALA A 349 -22.18 -17.19 5.31
N GLY A 350 -23.08 -16.28 4.99
CA GLY A 350 -23.88 -16.39 3.75
C GLY A 350 -23.03 -16.39 2.49
N ILE A 351 -21.98 -15.57 2.51
CA ILE A 351 -21.05 -15.52 1.41
C ILE A 351 -20.40 -16.87 1.27
N LEU A 352 -19.90 -17.44 2.38
CA LEU A 352 -19.31 -18.78 2.32
C LEU A 352 -20.32 -19.81 1.74
N HIS A 353 -21.56 -19.74 2.21
CA HIS A 353 -22.61 -20.65 1.65
C HIS A 353 -22.85 -20.45 0.17
N LEU A 354 -22.97 -19.20 -0.26
CA LEU A 354 -23.13 -18.91 -1.71
C LEU A 354 -22.02 -19.56 -2.51
N GLY A 355 -20.80 -19.54 -1.98
CA GLY A 355 -19.65 -20.10 -2.69
C GLY A 355 -19.78 -21.60 -2.90
N ASN A 356 -20.57 -22.24 -2.03
CA ASN A 356 -20.81 -23.68 -2.08
C ASN A 356 -21.92 -24.14 -3.02
N ILE A 357 -22.65 -23.18 -3.62
CA ILE A 357 -23.67 -23.53 -4.58
C ILE A 357 -22.99 -24.15 -5.79
N LYS A 358 -23.49 -25.30 -6.25
CA LYS A 358 -22.91 -25.99 -7.40
C LYS A 358 -23.94 -26.07 -8.52
N PHE A 359 -23.73 -25.25 -9.55
CA PHE A 359 -24.64 -25.24 -10.69
C PHE A 359 -24.31 -26.43 -11.59
N GLU A 360 -25.34 -27.08 -12.11
CA GLU A 360 -25.14 -28.17 -13.07
C GLU A 360 -25.95 -27.94 -14.34
N LYS A 361 -25.48 -28.54 -15.44
CA LYS A 361 -26.22 -28.49 -16.69
C LYS A 361 -27.59 -29.14 -16.55
N GLY A 362 -28.61 -28.50 -17.12
CA GLY A 362 -29.95 -29.05 -17.15
C GLY A 362 -30.14 -29.94 -18.37
N ALA A 363 -31.40 -30.27 -18.67
CA ALA A 363 -31.74 -30.95 -19.92
C ALA A 363 -31.18 -30.18 -21.11
N GLY A 364 -31.28 -28.85 -21.07
CA GLY A 364 -30.75 -28.00 -22.14
C GLY A 364 -29.46 -27.27 -21.82
N GLU A 365 -29.25 -26.14 -22.48
CA GLU A 365 -28.05 -25.34 -22.25
C GLU A 365 -28.06 -24.64 -20.87
N GLY A 366 -29.25 -24.30 -20.37
CA GLY A 366 -29.41 -23.59 -19.10
C GLY A 366 -28.97 -24.42 -17.90
N ALA A 367 -28.45 -23.78 -16.87
CA ALA A 367 -28.06 -24.46 -15.63
C ALA A 367 -29.25 -24.75 -14.71
N VAL A 368 -29.10 -25.78 -13.86
CA VAL A 368 -30.04 -26.12 -12.81
C VAL A 368 -29.29 -26.28 -11.48
N LEU A 369 -30.05 -26.26 -10.38
CA LEU A 369 -29.52 -26.51 -9.07
C LEU A 369 -30.20 -27.75 -8.51
N LYS A 370 -29.50 -28.88 -8.56
CA LYS A 370 -30.06 -30.15 -8.09
C LYS A 370 -29.97 -30.27 -6.58
N ASP A 371 -28.86 -29.81 -6.01
CA ASP A 371 -28.70 -29.80 -4.56
C ASP A 371 -28.80 -28.36 -4.11
N LYS A 372 -29.77 -28.09 -3.24
CA LYS A 372 -30.05 -26.74 -2.78
C LYS A 372 -29.63 -26.50 -1.33
N THR A 373 -28.75 -27.34 -0.78
CA THR A 373 -28.34 -27.16 0.63
C THR A 373 -27.71 -25.80 0.92
N ALA A 374 -26.70 -25.45 0.13
CA ALA A 374 -25.99 -24.18 0.26
C ALA A 374 -26.88 -23.00 -0.05
N LEU A 375 -27.68 -23.10 -1.11
CA LEU A 375 -28.68 -22.05 -1.44
C LEU A 375 -29.60 -21.77 -0.25
N ASN A 376 -30.15 -22.84 0.32
CA ASN A 376 -31.03 -22.71 1.48
C ASN A 376 -30.33 -22.14 2.70
N ALA A 377 -29.09 -22.56 2.96
CA ALA A 377 -28.35 -22.04 4.10
C ALA A 377 -28.02 -20.56 3.92
N ALA A 378 -27.50 -20.18 2.73
CA ALA A 378 -27.34 -18.75 2.39
C ALA A 378 -28.63 -17.95 2.60
N SER A 379 -29.73 -18.47 2.07
CA SER A 379 -30.95 -17.66 2.08
C SER A 379 -31.43 -17.42 3.51
N THR A 380 -31.29 -18.46 4.33
CA THR A 380 -31.69 -18.38 5.76
C THR A 380 -30.89 -17.34 6.50
N VAL A 381 -29.57 -17.36 6.34
CA VAL A 381 -28.75 -16.41 7.07
C VAL A 381 -28.90 -14.98 6.55
N PHE A 382 -29.07 -14.82 5.24
CA PHE A 382 -29.25 -13.47 4.68
C PHE A 382 -30.65 -12.91 4.90
N GLY A 383 -31.62 -13.81 5.13
CA GLY A 383 -33.04 -13.46 5.28
C GLY A 383 -33.67 -13.10 3.95
N VAL A 384 -33.34 -13.89 2.92
CA VAL A 384 -33.94 -13.71 1.60
C VAL A 384 -34.67 -14.99 1.19
N ASN A 385 -35.50 -14.89 0.17
CA ASN A 385 -36.31 -16.01 -0.30
C ASN A 385 -35.47 -16.87 -1.25
N PRO A 386 -35.25 -18.16 -0.89
CA PRO A 386 -34.42 -19.03 -1.71
C PRO A 386 -34.93 -19.25 -3.12
N SER A 387 -36.25 -19.26 -3.28
CA SER A 387 -36.86 -19.44 -4.60
C SER A 387 -36.59 -18.23 -5.49
N VAL A 388 -36.69 -17.04 -4.91
CA VAL A 388 -36.38 -15.81 -5.62
C VAL A 388 -34.89 -15.73 -5.95
N LEU A 389 -34.05 -16.17 -5.02
CA LEU A 389 -32.61 -16.12 -5.20
C LEU A 389 -32.19 -17.05 -6.33
N GLU A 390 -32.71 -18.26 -6.31
CA GLU A 390 -32.42 -19.26 -7.31
C GLU A 390 -32.74 -18.76 -8.72
N LYS A 391 -33.95 -18.22 -8.91
CA LYS A 391 -34.35 -17.61 -10.19
C LYS A 391 -33.49 -16.45 -10.63
N ALA A 392 -33.14 -15.60 -9.67
CA ALA A 392 -32.28 -14.45 -9.95
C ALA A 392 -30.85 -14.87 -10.40
N LEU A 393 -30.37 -15.99 -9.89
CA LEU A 393 -29.04 -16.52 -10.27
C LEU A 393 -28.99 -17.15 -11.64
N MET A 394 -29.94 -18.03 -11.92
CA MET A 394 -29.94 -18.78 -13.20
C MET A 394 -30.87 -18.21 -14.27
N GLU A 395 -31.92 -17.50 -13.86
CA GLU A 395 -32.86 -16.98 -14.86
C GLU A 395 -33.11 -15.51 -14.64
N PRO A 396 -32.05 -14.69 -14.65
CA PRO A 396 -32.28 -13.26 -14.40
C PRO A 396 -33.00 -12.62 -15.59
N ARG A 397 -33.85 -11.64 -15.31
CA ARG A 397 -34.57 -10.89 -16.36
C ARG A 397 -33.78 -9.65 -16.74
N ILE A 398 -33.75 -9.37 -18.05
CA ILE A 398 -33.07 -8.22 -18.57
C ILE A 398 -33.98 -7.54 -19.61
N LEU A 399 -33.63 -6.33 -20.07
CA LEU A 399 -34.33 -5.75 -21.24
C LEU A 399 -33.60 -6.13 -22.51
N ALA A 400 -34.37 -6.46 -23.55
CA ALA A 400 -33.83 -6.55 -24.90
C ALA A 400 -34.63 -5.50 -25.68
N GLY A 401 -34.01 -4.34 -25.90
CA GLY A 401 -34.73 -3.16 -26.37
C GLY A 401 -35.57 -2.70 -25.19
N ARG A 402 -36.88 -2.80 -25.31
CA ARG A 402 -37.75 -2.50 -24.16
C ARG A 402 -38.48 -3.75 -23.65
N ASP A 403 -38.29 -4.88 -24.34
CA ASP A 403 -38.93 -6.12 -23.91
C ASP A 403 -38.23 -6.67 -22.65
N LEU A 404 -38.96 -7.42 -21.84
CA LEU A 404 -38.42 -7.99 -20.60
C LEU A 404 -38.28 -9.49 -20.84
N VAL A 405 -37.04 -9.97 -20.88
CA VAL A 405 -36.74 -11.34 -21.29
C VAL A 405 -36.02 -12.06 -20.16
N ALA A 406 -36.56 -13.20 -19.69
CA ALA A 406 -35.83 -14.01 -18.70
C ALA A 406 -34.71 -14.75 -19.42
N GLN A 407 -33.50 -14.61 -18.91
CA GLN A 407 -32.39 -15.38 -19.45
C GLN A 407 -32.45 -16.80 -18.85
N HIS A 408 -31.70 -17.74 -19.42
CA HIS A 408 -31.37 -18.95 -18.70
C HIS A 408 -29.87 -19.19 -18.86
N LEU A 409 -29.14 -18.83 -17.82
CA LEU A 409 -27.69 -18.86 -17.86
C LEU A 409 -27.21 -20.29 -17.72
N ASN A 410 -26.15 -20.58 -18.47
CA ASN A 410 -25.45 -21.85 -18.36
C ASN A 410 -24.66 -21.91 -17.05
N VAL A 411 -23.94 -23.01 -16.83
CA VAL A 411 -23.23 -23.19 -15.58
C VAL A 411 -22.21 -22.07 -15.36
N GLU A 412 -21.39 -21.76 -16.37
CA GLU A 412 -20.29 -20.79 -16.19
C GLU A 412 -20.84 -19.39 -15.87
N LYS A 413 -21.89 -18.98 -16.60
CA LYS A 413 -22.49 -17.65 -16.34
C LYS A 413 -23.22 -17.61 -15.00
N SER A 414 -23.89 -18.71 -14.63
CA SER A 414 -24.57 -18.75 -13.32
C SER A 414 -23.54 -18.63 -12.19
N SER A 415 -22.43 -19.35 -12.33
CA SER A 415 -21.35 -19.31 -11.36
C SER A 415 -20.73 -17.92 -11.26
N SER A 416 -20.55 -17.24 -12.40
CA SER A 416 -19.97 -15.91 -12.42
CA SER A 416 -20.00 -15.83 -12.38
C SER A 416 -20.94 -14.87 -11.83
N SER A 417 -22.24 -15.06 -12.05
CA SER A 417 -23.25 -14.18 -11.44
C SER A 417 -23.29 -14.37 -9.93
N ARG A 418 -23.28 -15.61 -9.48
CA ARG A 418 -23.14 -15.91 -8.06
C ARG A 418 -21.90 -15.21 -7.50
N ASP A 419 -20.77 -15.27 -8.22
CA ASP A 419 -19.54 -14.60 -7.72
C ASP A 419 -19.72 -13.09 -7.67
N ALA A 420 -20.41 -12.54 -8.66
CA ALA A 420 -20.67 -11.08 -8.71
C ALA A 420 -21.49 -10.65 -7.51
N LEU A 421 -22.48 -11.45 -7.16
CA LEU A 421 -23.26 -11.16 -5.95
C LEU A 421 -22.37 -11.19 -4.70
N VAL A 422 -21.57 -12.25 -4.57
CA VAL A 422 -20.69 -12.38 -3.42
C VAL A 422 -19.78 -11.13 -3.31
N LYS A 423 -19.14 -10.76 -4.42
CA LYS A 423 -18.18 -9.64 -4.33
C LYS A 423 -18.87 -8.31 -3.99
N ALA A 424 -20.07 -8.09 -4.55
CA ALA A 424 -20.88 -6.90 -4.23
C ALA A 424 -21.27 -6.91 -2.75
N LEU A 425 -21.72 -8.05 -2.23
CA LEU A 425 -22.06 -8.11 -0.79
C LEU A 425 -20.83 -7.74 0.04
N TYR A 426 -19.69 -8.34 -0.30
CA TYR A 426 -18.49 -8.10 0.55
C TYR A 426 -18.02 -6.65 0.41
N GLY A 427 -17.93 -6.14 -0.83
CA GLY A 427 -17.47 -4.73 -1.03
C GLY A 427 -18.41 -3.74 -0.37
N ARG A 428 -19.72 -3.99 -0.47
CA ARG A 428 -20.70 -3.08 0.18
C ARG A 428 -20.61 -3.13 1.70
N LEU A 429 -20.46 -4.35 2.22
CA LEU A 429 -20.25 -4.56 3.64
C LEU A 429 -19.03 -3.76 4.10
N PHE A 430 -17.93 -3.87 3.35
CA PHE A 430 -16.71 -3.12 3.72
C PHE A 430 -16.96 -1.61 3.75
N LEU A 431 -17.63 -1.06 2.75
CA LEU A 431 -17.98 0.34 2.71
C LEU A 431 -18.84 0.72 3.92
N TRP A 432 -19.79 -0.13 4.24
CA TRP A 432 -20.70 0.11 5.35
C TRP A 432 -19.89 0.15 6.67
N LEU A 433 -18.99 -0.81 6.88
CA LEU A 433 -18.10 -0.75 8.06
C LEU A 433 -17.35 0.55 8.16
N VAL A 434 -16.79 1.01 7.05
CA VAL A 434 -16.02 2.26 7.06
C VAL A 434 -16.95 3.44 7.40
N LYS A 435 -18.12 3.46 6.77
CA LYS A 435 -19.11 4.53 7.02
C LYS A 435 -19.50 4.57 8.49
N LYS A 436 -19.76 3.40 9.08
CA LYS A 436 -20.15 3.28 10.49
C LYS A 436 -19.03 3.78 11.39
N ILE A 437 -17.80 3.35 11.11
CA ILE A 437 -16.65 3.88 11.82
C ILE A 437 -16.55 5.41 11.73
N ASN A 438 -16.66 5.96 10.52
CA ASN A 438 -16.52 7.40 10.32
C ASN A 438 -17.58 8.22 11.11
N ASN A 439 -18.81 7.70 11.11
CA ASN A 439 -19.92 8.35 11.84
C ASN A 439 -19.56 8.53 13.33
N VAL A 440 -18.95 7.51 13.94
CA VAL A 440 -18.41 7.59 15.30
C VAL A 440 -17.22 8.56 15.48
N LEU A 441 -16.30 8.57 14.50
CA LEU A 441 -15.05 9.28 14.67
C LEU A 441 -15.16 10.75 14.31
N CYS A 442 -16.22 11.09 13.59
CA CYS A 442 -16.51 12.45 13.13
C CYS A 442 -17.53 13.09 14.06
N GLN A 443 -16.99 13.89 14.97
CA GLN A 443 -17.77 14.44 16.07
C GLN A 443 -17.64 15.97 16.21
N GLU A 444 -16.73 16.55 15.44
CA GLU A 444 -16.44 17.98 15.47
C GLU A 444 -15.91 18.35 14.09
N ARG A 445 -16.27 19.53 13.60
CA ARG A 445 -15.61 20.13 12.45
C ARG A 445 -14.16 20.39 12.79
N LYS A 446 -13.25 19.95 11.93
CA LYS A 446 -11.83 20.06 12.21
C LYS A 446 -11.36 21.49 12.03
N ALA A 447 -10.29 21.85 12.74
CA ALA A 447 -9.59 23.07 12.42
C ALA A 447 -8.47 22.71 11.44
N TYR A 448 -7.77 21.61 11.75
CA TYR A 448 -6.59 21.15 10.98
C TYR A 448 -6.58 19.62 10.86
N PHE A 449 -5.77 19.09 9.95
CA PHE A 449 -5.60 17.62 9.93
C PHE A 449 -4.16 17.25 9.58
N ILE A 450 -3.75 16.09 10.04
CA ILE A 450 -2.56 15.45 9.51
C ILE A 450 -3.10 14.16 8.88
N GLY A 451 -2.87 13.98 7.59
CA GLY A 451 -3.39 12.81 6.86
C GLY A 451 -2.30 11.78 6.71
N VAL A 452 -2.61 10.51 6.90
CA VAL A 452 -1.55 9.50 6.76
C VAL A 452 -2.02 8.57 5.63
N LEU A 453 -1.16 8.43 4.61
CA LEU A 453 -1.52 7.64 3.44
C LEU A 453 -0.87 6.26 3.52
N ASP A 454 -1.71 5.22 3.46
CA ASP A 454 -1.26 3.83 3.51
C ASP A 454 -1.92 3.09 2.35
N ILE A 455 -1.28 3.11 1.20
CA ILE A 455 -1.78 2.44 -0.02
C ILE A 455 -1.46 0.94 -0.02
N SER A 456 -2.08 0.18 -0.93
CA SER A 456 -1.56 -1.15 -1.26
C SER A 456 -0.24 -0.94 -2.09
N GLY A 457 0.85 -1.57 -1.67
CA GLY A 457 2.18 -1.28 -2.20
C GLY A 457 2.43 -2.06 -3.49
N PHE A 458 3.47 -1.65 -4.19
CA PHE A 458 3.86 -2.26 -5.45
C PHE A 458 3.96 -3.79 -5.32
N GLU A 459 3.41 -4.53 -6.29
CA GLU A 459 3.43 -5.98 -6.16
C GLU A 459 3.46 -6.65 -7.52
N ILE A 460 4.19 -7.76 -7.55
CA ILE A 460 4.31 -8.59 -8.73
C ILE A 460 4.09 -10.04 -8.33
N PHE A 461 3.15 -10.69 -9.02
CA PHE A 461 2.87 -12.13 -8.83
C PHE A 461 3.14 -12.89 -10.11
N LYS A 462 3.01 -14.27 -10.01
CA LYS A 462 3.08 -14.99 -11.28
C LYS A 462 1.97 -14.55 -12.22
N VAL A 463 0.86 -14.26 -11.78
CA VAL A 463 -0.23 -13.75 -12.64
C VAL A 463 -0.65 -12.39 -12.11
N ASN A 464 -0.53 -11.37 -12.94
CA ASN A 464 -0.96 -10.01 -12.60
C ASN A 464 -2.17 -9.63 -13.44
N SER A 465 -3.18 -9.08 -12.78
CA SER A 465 -4.45 -8.76 -13.45
C SER A 465 -4.74 -7.27 -13.31
N PHE A 466 -5.97 -6.90 -13.64
CA PHE A 466 -6.43 -5.51 -13.58
C PHE A 466 -6.15 -4.87 -12.21
N GLU A 467 -6.39 -5.61 -11.14
CA GLU A 467 -6.12 -5.07 -9.78
C GLU A 467 -4.66 -4.69 -9.60
N GLN A 468 -3.75 -5.52 -10.12
CA GLN A 468 -2.32 -5.21 -10.02
C GLN A 468 -1.95 -3.96 -10.82
N LEU A 469 -2.55 -3.78 -12.00
CA LEU A 469 -2.25 -2.57 -12.74
C LEU A 469 -2.67 -1.33 -11.93
N CYS A 470 -3.86 -1.35 -11.35
CA CYS A 470 -4.32 -0.15 -10.63
C CYS A 470 -3.45 0.10 -9.38
N ILE A 471 -3.10 -0.98 -8.68
CA ILE A 471 -2.22 -0.90 -7.52
C ILE A 471 -0.87 -0.31 -7.92
N ASN A 472 -0.28 -0.89 -8.97
CA ASN A 472 1.07 -0.48 -9.34
C ASN A 472 1.08 0.94 -9.92
N TYR A 473 0.00 1.31 -10.60
CA TYR A 473 -0.15 2.67 -11.09
C TYR A 473 -0.22 3.64 -9.91
N THR A 474 -0.99 3.28 -8.87
CA THR A 474 -1.07 4.12 -7.64
C THR A 474 0.32 4.32 -7.05
N ASN A 475 1.13 3.25 -6.99
CA ASN A 475 2.52 3.37 -6.50
C ASN A 475 3.39 4.24 -7.41
N GLU A 476 3.23 4.08 -8.73
CA GLU A 476 3.97 4.95 -9.68
C GLU A 476 3.63 6.43 -9.44
N LYS A 477 2.35 6.70 -9.19
CA LYS A 477 1.89 8.10 -8.99
C LYS A 477 2.44 8.67 -7.67
N LEU A 478 2.45 7.85 -6.64
CA LEU A 478 3.05 8.25 -5.38
C LEU A 478 4.54 8.52 -5.51
N GLN A 479 5.26 7.68 -6.25
CA GLN A 479 6.68 7.96 -6.48
C GLN A 479 6.79 9.28 -7.26
N GLN A 480 5.92 9.49 -8.25
CA GLN A 480 5.97 10.74 -9.00
CA GLN A 480 5.94 10.83 -8.96
C GLN A 480 5.74 11.95 -8.10
N PHE A 481 4.85 11.85 -7.11
CA PHE A 481 4.61 12.90 -6.11
C PHE A 481 5.86 13.22 -5.30
N PHE A 482 6.55 12.19 -4.78
CA PHE A 482 7.91 12.36 -4.23
C PHE A 482 8.85 13.12 -5.21
N ASN A 483 8.91 12.65 -6.45
CA ASN A 483 9.81 13.27 -7.43
C ASN A 483 9.45 14.76 -7.60
N HIS A 484 8.21 15.08 -7.73
CA HIS A 484 7.70 16.44 -7.94
C HIS A 484 8.12 17.37 -6.79
N HIS A 485 7.91 16.89 -5.55
CA HIS A 485 8.20 17.67 -4.38
C HIS A 485 9.67 17.81 -4.08
N MET A 486 10.43 16.75 -4.26
CA MET A 486 11.87 16.77 -3.98
C MET A 486 12.74 17.48 -5.01
N PHE A 487 12.39 17.34 -6.28
CA PHE A 487 13.27 17.74 -7.37
C PHE A 487 12.66 18.84 -8.23
N LYS A 488 11.43 18.66 -8.70
CA LYS A 488 10.83 19.54 -9.70
C LYS A 488 10.40 20.87 -9.08
N LEU A 489 9.50 20.85 -8.11
CA LEU A 489 9.07 22.07 -7.43
C LEU A 489 10.26 22.80 -6.79
N GLU A 490 11.17 22.04 -6.19
CA GLU A 490 12.35 22.59 -5.55
C GLU A 490 13.18 23.41 -6.56
N GLN A 491 13.51 22.81 -7.71
CA GLN A 491 14.28 23.54 -8.72
C GLN A 491 13.51 24.69 -9.43
N GLU A 492 12.21 24.49 -9.67
CA GLU A 492 11.33 25.53 -10.22
C GLU A 492 11.36 26.79 -9.38
N GLU A 493 11.43 26.62 -8.06
CA GLU A 493 11.54 27.72 -7.11
C GLU A 493 12.90 28.44 -7.22
N TYR A 494 13.99 27.67 -7.18
CA TYR A 494 15.34 28.23 -7.36
C TYR A 494 15.39 29.07 -8.62
N LEU A 495 14.81 28.55 -9.69
CA LEU A 495 14.89 29.12 -11.03
C LEU A 495 14.05 30.39 -11.18
N LYS A 496 12.90 30.43 -10.51
CA LYS A 496 12.00 31.57 -10.54
C LYS A 496 12.55 32.73 -9.72
N GLU A 497 13.23 32.38 -8.63
CA GLU A 497 13.89 33.33 -7.77
C GLU A 497 15.31 33.68 -8.26
N LYS A 498 15.66 33.18 -9.46
CA LYS A 498 16.98 33.44 -10.07
C LYS A 498 18.15 33.44 -9.09
N ILE A 499 18.47 32.29 -8.50
CA ILE A 499 19.47 32.23 -7.42
C ILE A 499 20.85 31.61 -7.85
N ASN A 500 21.13 31.70 -9.15
CA ASN A 500 22.39 31.21 -9.76
C ASN A 500 22.53 29.68 -9.92
N TRP A 501 21.38 29.01 -9.89
CA TRP A 501 21.26 27.56 -9.94
C TRP A 501 21.31 27.01 -11.36
N THR A 502 22.18 26.04 -11.61
CA THR A 502 22.07 25.26 -12.84
C THR A 502 21.10 24.06 -12.61
N PHE A 503 20.07 23.95 -13.43
CA PHE A 503 19.11 22.85 -13.29
C PHE A 503 19.80 21.49 -13.42
N ILE A 504 19.44 20.54 -12.54
CA ILE A 504 20.00 19.18 -12.59
C ILE A 504 18.89 18.24 -13.00
N ASP A 505 19.19 17.38 -13.95
CA ASP A 505 18.27 16.33 -14.37
C ASP A 505 18.58 15.12 -13.49
N PHE A 506 17.72 14.86 -12.51
CA PHE A 506 17.95 13.75 -11.59
C PHE A 506 17.55 12.38 -12.19
N GLY A 507 17.02 12.42 -13.40
CA GLY A 507 16.69 11.23 -14.17
C GLY A 507 15.59 10.38 -13.55
N LEU A 508 14.75 11.00 -12.76
CA LEU A 508 13.63 10.32 -12.16
C LEU A 508 12.40 11.03 -12.66
N ASP A 509 11.75 10.41 -13.62
CA ASP A 509 10.50 10.95 -14.12
C ASP A 509 9.68 9.79 -14.59
N SER A 510 8.58 9.57 -13.87
CA SER A 510 7.61 8.50 -14.12
C SER A 510 6.57 8.92 -15.17
N GLN A 511 6.74 10.09 -15.76
CA GLN A 511 5.69 10.64 -16.65
C GLN A 511 5.31 9.71 -17.80
N ALA A 512 6.30 9.11 -18.46
CA ALA A 512 6.02 8.25 -19.60
C ALA A 512 5.12 7.07 -19.17
N THR A 513 5.43 6.46 -18.03
CA THR A 513 4.65 5.28 -17.61
C THR A 513 3.25 5.75 -17.24
N ILE A 514 3.17 6.90 -16.57
CA ILE A 514 1.89 7.45 -16.14
C ILE A 514 0.97 7.72 -17.35
N ASP A 515 1.52 8.38 -18.37
CA ASP A 515 0.77 8.70 -19.60
C ASP A 515 0.32 7.44 -20.34
N LEU A 516 1.22 6.47 -20.44
CA LEU A 516 0.84 5.16 -21.01
C LEU A 516 -0.42 4.58 -20.35
N ILE A 517 -0.44 4.59 -19.02
CA ILE A 517 -1.56 4.00 -18.29
C ILE A 517 -2.80 4.91 -18.32
N ASP A 518 -2.62 6.19 -18.05
CA ASP A 518 -3.78 7.03 -17.80
CA ASP A 518 -3.81 7.11 -17.74
C ASP A 518 -3.95 8.16 -18.83
N GLY A 519 -3.23 8.11 -19.93
CA GLY A 519 -3.32 9.14 -20.99
C GLY A 519 -4.73 9.35 -21.47
N ARG A 520 -5.08 10.59 -21.82
CA ARG A 520 -6.42 10.86 -22.38
C ARG A 520 -6.38 11.14 -23.88
N GLN A 521 -5.41 11.93 -24.33
CA GLN A 521 -5.19 12.07 -25.78
C GLN A 521 -3.71 12.21 -26.07
N PRO A 522 -3.10 11.20 -26.69
CA PRO A 522 -3.70 9.96 -27.19
C PRO A 522 -4.22 9.08 -26.01
N PRO A 523 -5.21 8.20 -26.27
CA PRO A 523 -5.71 7.42 -25.16
C PRO A 523 -4.63 6.47 -24.57
N GLY A 524 -4.56 6.39 -23.25
CA GLY A 524 -3.72 5.40 -22.58
C GLY A 524 -4.45 4.07 -22.40
N ILE A 525 -3.84 3.14 -21.67
CA ILE A 525 -4.43 1.82 -21.38
C ILE A 525 -5.84 1.88 -20.77
N LEU A 526 -6.02 2.66 -19.69
CA LEU A 526 -7.32 2.71 -19.03
C LEU A 526 -8.44 3.29 -19.92
N ALA A 527 -8.08 4.32 -20.69
CA ALA A 527 -9.01 4.90 -21.67
C ALA A 527 -9.46 3.88 -22.72
N LEU A 528 -8.51 3.09 -23.22
CA LEU A 528 -8.85 2.07 -24.21
C LEU A 528 -9.65 0.95 -23.60
N LEU A 529 -9.31 0.59 -22.37
CA LEU A 529 -10.11 -0.36 -21.62
C LEU A 529 -11.58 0.10 -21.51
N ASP A 530 -11.78 1.36 -21.11
CA ASP A 530 -13.13 1.92 -21.00
C ASP A 530 -13.87 1.89 -22.35
N GLU A 531 -13.18 2.24 -23.43
CA GLU A 531 -13.77 2.27 -24.77
C GLU A 531 -14.23 0.87 -25.17
N GLN A 532 -13.34 -0.12 -25.03
CA GLN A 532 -13.71 -1.53 -25.21
C GLN A 532 -14.87 -1.99 -24.32
N SER A 533 -14.92 -1.47 -23.08
CA SER A 533 -15.92 -1.88 -22.10
C SER A 533 -17.38 -1.54 -22.46
N VAL A 534 -17.60 -0.49 -23.22
CA VAL A 534 -18.95 -0.14 -23.68
C VAL A 534 -19.19 -0.52 -25.16
N PHE A 535 -18.23 -1.22 -25.75
CA PHE A 535 -18.34 -1.70 -27.12
C PHE A 535 -19.00 -3.09 -27.11
N PRO A 536 -20.26 -3.20 -27.63
CA PRO A 536 -21.05 -4.43 -27.47
C PRO A 536 -20.36 -5.69 -27.98
N ASN A 537 -19.54 -5.56 -29.03
CA ASN A 537 -18.88 -6.71 -29.61
C ASN A 537 -17.48 -7.05 -29.01
N ALA A 538 -17.08 -6.34 -27.95
CA ALA A 538 -15.68 -6.46 -27.46
C ALA A 538 -15.41 -7.76 -26.72
N THR A 539 -14.21 -8.28 -26.86
CA THR A 539 -13.79 -9.45 -26.08
C THR A 539 -12.40 -9.16 -25.46
N ASP A 540 -11.93 -10.02 -24.56
CA ASP A 540 -10.59 -9.82 -23.97
C ASP A 540 -9.52 -9.84 -25.09
N ASN A 541 -9.77 -10.63 -26.13
CA ASN A 541 -8.91 -10.61 -27.31
C ASN A 541 -8.97 -9.35 -28.20
N THR A 542 -10.16 -8.75 -28.36
CA THR A 542 -10.21 -7.48 -29.11
C THR A 542 -9.51 -6.41 -28.26
N LEU A 543 -9.64 -6.55 -26.94
CA LEU A 543 -8.95 -5.60 -26.05
C LEU A 543 -7.43 -5.63 -26.17
N ILE A 544 -6.81 -6.80 -26.02
CA ILE A 544 -5.36 -6.92 -26.09
C ILE A 544 -4.87 -6.49 -27.49
N THR A 545 -5.61 -6.89 -28.51
CA THR A 545 -5.30 -6.48 -29.87
C THR A 545 -5.27 -4.96 -29.98
N LYS A 546 -6.28 -4.29 -29.43
CA LYS A 546 -6.30 -2.80 -29.39
C LYS A 546 -5.12 -2.18 -28.66
N LEU A 547 -4.79 -2.70 -27.47
CA LEU A 547 -3.62 -2.20 -26.76
C LEU A 547 -2.34 -2.37 -27.59
N HIS A 548 -2.12 -3.55 -28.16
CA HIS A 548 -0.90 -3.74 -28.97
C HIS A 548 -0.89 -2.78 -30.17
N SER A 549 -2.04 -2.64 -30.80
CA SER A 549 -2.19 -1.75 -31.97
C SER A 549 -1.77 -0.32 -31.61
N HIS A 550 -2.16 0.14 -30.43
CA HIS A 550 -1.82 1.51 -30.04
C HIS A 550 -0.41 1.68 -29.52
N PHE A 551 0.12 0.65 -28.84
CA PHE A 551 1.39 0.84 -28.07
C PHE A 551 2.59 0.00 -28.50
N SER A 552 2.36 -1.12 -29.17
CA SER A 552 3.49 -2.02 -29.49
C SER A 552 4.46 -1.34 -30.47
N LYS A 553 5.75 -1.36 -30.13
CA LYS A 553 6.81 -0.72 -30.92
C LYS A 553 6.60 0.77 -31.09
N LYS A 554 5.82 1.38 -30.22
CA LYS A 554 5.54 2.80 -30.28
C LYS A 554 5.86 3.43 -28.93
N ASN A 555 5.25 2.90 -27.86
CA ASN A 555 5.48 3.43 -26.53
C ASN A 555 6.64 2.67 -25.84
N ALA A 556 7.66 3.43 -25.44
CA ALA A 556 8.88 2.90 -24.86
C ALA A 556 8.70 2.17 -23.50
N LYS A 557 7.58 2.42 -22.83
CA LYS A 557 7.29 1.75 -21.56
C LYS A 557 6.35 0.52 -21.71
N TYR A 558 5.98 0.21 -22.97
CA TYR A 558 5.06 -0.87 -23.22
C TYR A 558 5.79 -1.98 -23.96
N GLU A 559 5.42 -3.23 -23.66
CA GLU A 559 5.96 -4.35 -24.44
C GLU A 559 4.85 -5.33 -24.82
N GLU A 560 4.77 -5.64 -26.12
CA GLU A 560 3.98 -6.77 -26.57
C GLU A 560 4.91 -7.99 -26.54
N PRO A 561 4.63 -8.96 -25.64
CA PRO A 561 5.55 -10.10 -25.50
C PRO A 561 5.42 -11.06 -26.65
N ARG A 562 6.50 -11.75 -27.00
CA ARG A 562 6.44 -12.74 -28.08
C ARG A 562 5.98 -14.11 -27.56
N PHE A 563 5.99 -14.30 -26.24
CA PHE A 563 5.72 -15.61 -25.62
C PHE A 563 4.25 -15.82 -25.24
N SER A 564 3.41 -14.81 -25.49
CA SER A 564 2.01 -14.87 -25.07
C SER A 564 1.19 -13.94 -25.94
N LYS A 565 -0.05 -14.33 -26.17
CA LYS A 565 -1.02 -13.52 -26.91
C LYS A 565 -2.06 -12.80 -26.03
N THR A 566 -1.93 -12.96 -24.72
CA THR A 566 -2.96 -12.45 -23.81
C THR A 566 -2.32 -11.56 -22.72
N GLU A 567 -1.06 -11.15 -22.95
CA GLU A 567 -0.34 -10.36 -21.93
C GLU A 567 0.29 -9.12 -22.53
N PHE A 568 0.50 -8.10 -21.70
CA PHE A 568 1.28 -6.93 -22.12
C PHE A 568 2.14 -6.48 -20.97
N GLY A 569 3.29 -5.87 -21.28
CA GLY A 569 4.21 -5.47 -20.22
C GLY A 569 4.22 -3.96 -20.03
N VAL A 570 4.29 -3.51 -18.78
CA VAL A 570 4.48 -2.06 -18.49
C VAL A 570 5.75 -1.97 -17.67
N THR A 571 6.67 -1.09 -18.09
CA THR A 571 7.88 -0.78 -17.33
C THR A 571 7.55 0.33 -16.32
N HIS A 572 7.38 -0.08 -15.06
CA HIS A 572 7.09 0.80 -13.93
C HIS A 572 8.41 1.24 -13.35
N TYR A 573 8.38 2.27 -12.51
CA TYR A 573 9.59 2.72 -11.79
C TYR A 573 10.25 1.54 -11.02
N ALA A 574 9.42 0.64 -10.48
CA ALA A 574 9.91 -0.48 -9.67
C ALA A 574 10.18 -1.75 -10.48
N GLY A 575 9.95 -1.71 -11.78
CA GLY A 575 10.34 -2.84 -12.64
C GLY A 575 9.26 -3.16 -13.63
N GLN A 576 9.60 -3.98 -14.62
CA GLN A 576 8.60 -4.38 -15.60
C GLN A 576 7.59 -5.36 -14.98
N VAL A 577 6.32 -5.17 -15.32
CA VAL A 577 5.26 -6.11 -14.95
C VAL A 577 4.52 -6.58 -16.19
N MET A 578 4.29 -7.90 -16.28
CA MET A 578 3.47 -8.47 -17.34
C MET A 578 2.08 -8.71 -16.80
N TYR A 579 1.09 -8.17 -17.51
CA TYR A 579 -0.32 -8.22 -17.12
C TYR A 579 -1.12 -9.11 -18.07
N GLU A 580 -1.89 -10.04 -17.49
CA GLU A 580 -2.79 -11.00 -18.22
C GLU A 580 -4.15 -10.30 -18.35
N ILE A 581 -4.71 -10.29 -19.58
CA ILE A 581 -5.91 -9.53 -19.91
C ILE A 581 -7.22 -10.28 -19.62
N GLN A 582 -7.13 -11.57 -19.34
CA GLN A 582 -8.33 -12.36 -19.04
C GLN A 582 -9.23 -11.68 -18.01
N ASP A 583 -10.53 -11.57 -18.35
CA ASP A 583 -11.60 -11.05 -17.47
C ASP A 583 -11.58 -9.52 -17.27
N TRP A 584 -10.68 -8.78 -17.95
CA TRP A 584 -10.61 -7.32 -17.74
C TRP A 584 -11.91 -6.59 -18.10
N LEU A 585 -12.54 -6.95 -19.22
CA LEU A 585 -13.79 -6.30 -19.60
C LEU A 585 -14.86 -6.49 -18.53
N GLU A 586 -14.98 -7.71 -18.03
CA GLU A 586 -15.96 -7.96 -16.99
C GLU A 586 -15.56 -7.33 -15.67
N LYS A 587 -14.28 -7.42 -15.29
CA LYS A 587 -13.80 -6.71 -14.10
C LYS A 587 -14.07 -5.21 -14.17
N ASN A 588 -13.81 -4.59 -15.32
CA ASN A 588 -14.08 -3.17 -15.49
C ASN A 588 -15.60 -2.78 -15.45
N LYS A 589 -16.44 -3.63 -16.06
CA LYS A 589 -17.86 -3.32 -16.12
C LYS A 589 -18.47 -3.59 -14.75
N ASP A 590 -17.88 -4.56 -14.03
CA ASP A 590 -18.33 -4.92 -12.69
C ASP A 590 -19.87 -5.12 -12.65
N PRO A 591 -20.40 -6.01 -13.49
CA PRO A 591 -21.87 -6.14 -13.58
C PRO A 591 -22.48 -6.87 -12.39
N LEU A 592 -23.77 -6.62 -12.14
CA LEU A 592 -24.54 -7.38 -11.14
C LEU A 592 -25.99 -7.39 -11.62
N GLN A 593 -26.56 -8.58 -11.78
CA GLN A 593 -27.93 -8.67 -12.29
C GLN A 593 -28.87 -7.89 -11.38
N GLN A 594 -29.70 -7.05 -11.97
CA GLN A 594 -30.65 -6.24 -11.21
C GLN A 594 -31.57 -7.12 -10.37
N ASP A 595 -31.86 -8.32 -10.88
CA ASP A 595 -32.79 -9.22 -10.22
C ASP A 595 -32.24 -9.72 -8.89
N LEU A 596 -30.92 -9.88 -8.83
CA LEU A 596 -30.23 -10.20 -7.55
C LEU A 596 -30.36 -9.04 -6.56
N GLU A 597 -30.22 -7.83 -7.05
CA GLU A 597 -30.42 -6.68 -6.17
C GLU A 597 -31.86 -6.67 -5.63
N LEU A 598 -32.83 -6.93 -6.51
CA LEU A 598 -34.25 -6.94 -6.07
C LEU A 598 -34.44 -8.02 -5.00
N CYS A 599 -33.81 -9.16 -5.20
CA CYS A 599 -33.89 -10.24 -4.21
C CYS A 599 -33.42 -9.74 -2.83
N PHE A 600 -32.22 -9.12 -2.77
CA PHE A 600 -31.62 -8.73 -1.52
C PHE A 600 -32.23 -7.45 -0.93
N LYS A 601 -32.78 -6.61 -1.79
CA LYS A 601 -33.54 -5.44 -1.31
C LYS A 601 -34.66 -5.85 -0.37
N ASP A 602 -35.19 -7.06 -0.56
CA ASP A 602 -36.28 -7.63 0.25
C ASP A 602 -35.84 -8.43 1.47
N SER A 603 -34.54 -8.35 1.83
CA SER A 603 -34.02 -9.05 3.00
C SER A 603 -34.67 -8.57 4.29
N SER A 604 -34.93 -9.53 5.18
CA SER A 604 -35.39 -9.22 6.53
C SER A 604 -34.28 -8.70 7.45
N ASP A 605 -33.02 -8.73 6.98
CA ASP A 605 -31.89 -8.30 7.81
C ASP A 605 -31.66 -6.81 7.68
N ASN A 606 -31.56 -6.13 8.83
CA ASN A 606 -31.41 -4.66 8.86
C ASN A 606 -30.11 -4.17 8.23
N VAL A 607 -29.04 -4.95 8.34
CA VAL A 607 -27.78 -4.55 7.70
C VAL A 607 -27.84 -4.88 6.20
N VAL A 608 -28.27 -6.07 5.82
CA VAL A 608 -28.34 -6.45 4.40
C VAL A 608 -29.23 -5.46 3.63
N THR A 609 -30.38 -5.09 4.21
CA THR A 609 -31.25 -4.10 3.57
C THR A 609 -30.54 -2.75 3.31
N LYS A 610 -29.67 -2.31 4.22
CA LYS A 610 -28.92 -1.05 3.99
C LYS A 610 -27.93 -1.20 2.82
N LEU A 611 -27.26 -2.35 2.77
CA LEU A 611 -26.31 -2.60 1.68
C LEU A 611 -26.96 -2.49 0.29
N PHE A 612 -28.25 -2.82 0.20
CA PHE A 612 -28.95 -2.77 -1.09
C PHE A 612 -29.87 -1.57 -1.37
N ASN A 613 -30.26 -0.84 -0.32
CA ASN A 613 -31.21 0.27 -0.45
C ASN A 613 -30.58 1.64 -0.19
N ASP A 614 -29.46 1.67 0.52
CA ASP A 614 -28.76 2.93 0.79
C ASP A 614 -27.92 3.34 -0.43
N PRO A 615 -28.33 4.42 -1.14
CA PRO A 615 -27.69 4.85 -2.40
C PRO A 615 -26.20 5.17 -2.30
N ASN A 616 -25.76 5.59 -1.12
CA ASN A 616 -24.34 5.83 -0.86
C ASN A 616 -23.52 4.56 -0.84
N ILE A 617 -24.18 3.45 -0.57
CA ILE A 617 -23.53 2.15 -0.57
C ILE A 617 -23.88 1.39 -1.85
N ALA A 618 -25.13 1.50 -2.30
CA ALA A 618 -25.69 0.61 -3.32
C ALA A 618 -25.77 1.25 -4.71
N SER A 619 -25.86 2.58 -4.79
CA SER A 619 -26.07 3.22 -6.09
C SER A 619 -24.74 3.29 -6.83
N ARG A 620 -24.83 3.26 -8.15
CA ARG A 620 -23.65 3.45 -8.97
C ARG A 620 -23.89 4.55 -9.97
N ALA A 621 -22.92 5.45 -10.08
CA ALA A 621 -23.00 6.61 -10.98
C ALA A 621 -23.17 6.17 -12.43
N LYS A 622 -23.87 6.99 -13.22
CA LYS A 622 -23.92 6.82 -14.67
C LYS A 622 -22.92 7.75 -15.35
N LYS A 623 -22.36 7.27 -16.46
CA LYS A 623 -21.60 8.12 -17.40
C LYS A 623 -22.29 7.98 -18.76
N GLY A 624 -23.06 8.99 -19.13
CA GLY A 624 -23.96 8.85 -20.26
C GLY A 624 -24.90 7.68 -20.01
N ALA A 625 -24.89 6.71 -20.93
CA ALA A 625 -25.84 5.59 -20.90
C ALA A 625 -25.26 4.30 -20.32
N ASN A 626 -24.16 4.42 -19.59
CA ASN A 626 -23.48 3.27 -19.00
C ASN A 626 -23.16 3.60 -17.54
N PHE A 627 -23.13 2.57 -16.69
CA PHE A 627 -22.64 2.76 -15.32
C PHE A 627 -21.17 3.11 -15.38
N ILE A 628 -20.70 3.86 -14.39
CA ILE A 628 -19.29 4.22 -14.30
C ILE A 628 -18.47 2.93 -14.19
N THR A 629 -17.38 2.84 -14.94
CA THR A 629 -16.55 1.64 -14.92
C THR A 629 -15.65 1.67 -13.69
N VAL A 630 -15.10 0.51 -13.32
CA VAL A 630 -14.09 0.51 -12.23
C VAL A 630 -12.90 1.42 -12.54
N ALA A 631 -12.41 1.40 -13.77
CA ALA A 631 -11.29 2.29 -14.13
C ALA A 631 -11.63 3.78 -13.91
N ALA A 632 -12.85 4.18 -14.24
CA ALA A 632 -13.26 5.58 -14.07
C ALA A 632 -13.43 5.91 -12.60
N GLN A 633 -14.01 4.96 -11.85
CA GLN A 633 -14.11 5.09 -10.40
C GLN A 633 -12.73 5.20 -9.76
N TYR A 634 -11.82 4.32 -10.17
CA TYR A 634 -10.41 4.37 -9.71
C TYR A 634 -9.84 5.79 -9.95
N LYS A 635 -9.93 6.23 -11.20
CA LYS A 635 -9.40 7.55 -11.58
C LYS A 635 -9.96 8.68 -10.74
N GLU A 636 -11.27 8.68 -10.51
CA GLU A 636 -11.92 9.70 -9.68
C GLU A 636 -11.34 9.67 -8.26
N GLN A 637 -11.24 8.49 -7.67
CA GLN A 637 -10.71 8.36 -6.30
C GLN A 637 -9.26 8.87 -6.24
N LEU A 638 -8.46 8.49 -7.22
CA LEU A 638 -7.04 8.91 -7.22
C LEU A 638 -6.90 10.42 -7.41
N ALA A 639 -7.70 10.99 -8.32
CA ALA A 639 -7.70 12.44 -8.54
C ALA A 639 -8.09 13.20 -7.27
N SER A 640 -9.11 12.69 -6.59
CA SER A 640 -9.55 13.18 -5.27
C SER A 640 -8.42 13.19 -4.21
N LEU A 641 -7.73 12.07 -4.07
CA LEU A 641 -6.60 11.97 -3.14
C LEU A 641 -5.51 12.97 -3.51
N MET A 642 -5.12 12.97 -4.77
CA MET A 642 -4.01 13.83 -5.21
C MET A 642 -4.34 15.31 -4.97
N ALA A 643 -5.61 15.68 -5.15
CA ALA A 643 -6.08 17.04 -4.85
C ALA A 643 -5.96 17.38 -3.35
N THR A 644 -6.33 16.45 -2.48
CA THR A 644 -6.15 16.64 -1.04
C THR A 644 -4.68 16.80 -0.64
N LEU A 645 -3.82 15.95 -1.20
CA LEU A 645 -2.39 16.01 -0.91
C LEU A 645 -1.78 17.37 -1.29
N GLU A 646 -2.25 17.93 -2.41
CA GLU A 646 -1.69 19.20 -2.88
C GLU A 646 -2.02 20.38 -1.96
N THR A 647 -3.01 20.20 -1.10
CA THR A 647 -3.33 21.18 -0.06
C THR A 647 -2.57 20.98 1.26
N THR A 648 -1.70 19.96 1.32
CA THR A 648 -0.99 19.69 2.57
C THR A 648 0.50 19.91 2.35
N ASN A 649 1.25 20.03 3.45
CA ASN A 649 2.69 19.92 3.46
C ASN A 649 3.07 18.44 3.68
N PRO A 650 3.71 17.78 2.68
CA PRO A 650 4.01 16.35 2.77
C PRO A 650 5.30 16.04 3.50
N HIS A 651 5.29 14.92 4.22
CA HIS A 651 6.47 14.35 4.82
C HIS A 651 6.53 12.89 4.31
N PHE A 652 7.69 12.48 3.82
CA PHE A 652 7.83 11.16 3.18
C PHE A 652 8.58 10.20 4.06
N VAL A 653 8.06 8.98 4.14
CA VAL A 653 8.75 7.90 4.84
C VAL A 653 8.86 6.80 3.77
N ARG A 654 10.09 6.35 3.53
CA ARG A 654 10.32 5.32 2.52
C ARG A 654 10.56 3.99 3.25
N CYS A 655 9.54 3.14 3.25
CA CYS A 655 9.73 1.80 3.79
C CYS A 655 10.43 0.90 2.78
N ILE A 656 11.32 0.08 3.31
CA ILE A 656 12.22 -0.74 2.48
C ILE A 656 12.12 -2.15 3.00
N ILE A 657 11.86 -3.10 2.11
CA ILE A 657 11.77 -4.49 2.51
C ILE A 657 13.18 -5.10 2.39
N PRO A 658 13.61 -5.88 3.40
CA PRO A 658 14.99 -6.40 3.43
C PRO A 658 15.28 -7.60 2.51
N ASN A 659 14.22 -8.33 2.17
CA ASN A 659 14.33 -9.57 1.44
C ASN A 659 12.93 -9.93 1.00
N ASN A 660 12.79 -11.03 0.24
CA ASN A 660 11.49 -11.43 -0.24
C ASN A 660 10.99 -12.68 0.48
N LYS A 661 11.47 -12.90 1.70
CA LYS A 661 11.14 -14.08 2.51
C LYS A 661 10.42 -13.78 3.81
N GLN A 662 10.16 -12.50 4.09
CA GLN A 662 9.53 -12.11 5.33
C GLN A 662 10.31 -12.63 6.57
N LEU A 663 11.63 -12.54 6.50
CA LEU A 663 12.53 -13.02 7.56
C LEU A 663 13.34 -11.86 8.15
N PRO A 664 13.61 -11.94 9.48
CA PRO A 664 14.46 -10.98 10.16
C PRO A 664 15.94 -11.30 9.92
N ALA A 665 16.79 -10.32 10.18
CA ALA A 665 18.24 -10.53 10.16
C ALA A 665 18.73 -11.10 8.83
N LYS A 666 18.13 -10.65 7.73
CA LYS A 666 18.51 -11.19 6.44
C LYS A 666 18.41 -10.12 5.34
N LEU A 667 19.32 -9.15 5.43
CA LEU A 667 19.31 -8.01 4.52
C LEU A 667 19.89 -8.47 3.19
N GLU A 668 19.10 -8.39 2.11
CA GLU A 668 19.53 -8.85 0.78
C GLU A 668 19.90 -7.68 -0.14
N ASP A 669 21.18 -7.67 -0.53
CA ASP A 669 21.83 -6.64 -1.32
C ASP A 669 21.01 -6.22 -2.52
N LYS A 670 20.75 -7.13 -3.41
CA LYS A 670 20.02 -6.70 -4.59
C LYS A 670 18.57 -6.39 -4.26
N VAL A 671 17.98 -7.02 -3.40
CA VAL A 671 16.60 -6.63 -3.04
C VAL A 671 16.58 -5.16 -2.56
N VAL A 672 17.48 -4.84 -1.64
CA VAL A 672 17.50 -3.49 -1.05
C VAL A 672 17.95 -2.44 -2.06
N LEU A 673 19.02 -2.72 -2.79
CA LEU A 673 19.54 -1.74 -3.76
C LEU A 673 18.54 -1.38 -4.86
N ASP A 674 17.76 -2.35 -5.30
CA ASP A 674 16.70 -2.10 -6.31
C ASP A 674 15.73 -1.03 -5.78
N GLN A 675 15.37 -1.16 -4.51
CA GLN A 675 14.47 -0.17 -3.90
C GLN A 675 15.10 1.20 -3.72
N LEU A 676 16.34 1.23 -3.22
CA LEU A 676 17.06 2.51 -3.04
C LEU A 676 17.14 3.26 -4.38
N ARG A 677 17.41 2.53 -5.46
CA ARG A 677 17.45 3.11 -6.81
C ARG A 677 16.09 3.68 -7.27
N CYS A 678 15.07 2.83 -7.33
CA CYS A 678 13.77 3.27 -7.90
C CYS A 678 13.04 4.23 -6.99
N ASN A 679 13.34 4.19 -5.69
CA ASN A 679 12.79 5.21 -4.76
C ASN A 679 13.37 6.63 -4.93
N GLY A 680 14.54 6.72 -5.56
CA GLY A 680 15.23 8.00 -5.68
C GLY A 680 15.93 8.42 -4.40
N VAL A 681 16.37 7.45 -3.59
CA VAL A 681 16.95 7.80 -2.27
C VAL A 681 18.23 8.63 -2.40
N LEU A 682 19.18 8.18 -3.23
CA LEU A 682 20.47 8.87 -3.39
C LEU A 682 20.30 10.23 -4.06
N GLU A 683 19.39 10.30 -5.05
CA GLU A 683 18.98 11.57 -5.64
C GLU A 683 18.40 12.54 -4.63
N GLY A 684 17.53 12.02 -3.77
CA GLY A 684 16.96 12.79 -2.67
C GLY A 684 18.00 13.31 -1.67
N ILE A 685 19.02 12.51 -1.40
CA ILE A 685 20.14 12.97 -0.56
C ILE A 685 20.91 14.09 -1.30
N ARG A 686 21.20 13.89 -2.58
CA ARG A 686 21.97 14.87 -3.35
C ARG A 686 21.32 16.25 -3.43
N ILE A 687 19.99 16.30 -3.66
CA ILE A 687 19.32 17.61 -3.71
C ILE A 687 19.35 18.30 -2.34
N THR A 688 19.24 17.51 -1.27
CA THR A 688 19.39 18.00 0.10
C THR A 688 20.75 18.72 0.26
N ARG A 689 21.81 18.04 -0.16
CA ARG A 689 23.19 18.51 -0.07
C ARG A 689 23.55 19.67 -1.02
N LYS A 690 23.12 19.57 -2.27
CA LYS A 690 23.50 20.51 -3.31
C LYS A 690 22.66 21.77 -3.33
N GLY A 691 21.51 21.75 -2.66
CA GLY A 691 20.48 22.77 -2.80
C GLY A 691 20.31 23.72 -1.62
N PHE A 692 19.15 24.37 -1.57
CA PHE A 692 18.86 25.43 -0.60
C PHE A 692 17.47 25.23 0.02
N PRO A 693 17.38 24.33 1.01
CA PRO A 693 16.11 23.90 1.62
C PRO A 693 15.21 25.00 2.20
N ASN A 694 15.79 26.12 2.62
CA ASN A 694 15.04 27.12 3.40
C ASN A 694 15.04 28.52 2.77
N ARG A 695 13.86 29.14 2.68
CA ARG A 695 13.72 30.48 2.07
C ARG A 695 12.62 31.35 2.68
N ILE A 696 12.94 32.65 2.79
CA ILE A 696 12.09 33.64 3.51
C ILE A 696 12.01 34.97 2.75
N ILE A 697 10.77 35.42 2.51
CA ILE A 697 10.53 36.74 1.95
C ILE A 697 11.27 37.76 2.83
N TYR A 698 12.08 38.62 2.19
CA TYR A 698 12.94 39.56 2.89
C TYR A 698 12.15 40.45 3.87
N PHE A 701 11.77 38.19 6.83
CA PHE A 701 13.06 38.06 7.50
C PHE A 701 13.26 39.18 8.51
N VAL A 702 13.09 40.42 8.05
CA VAL A 702 13.26 41.61 8.90
C VAL A 702 12.06 41.82 9.80
N GLN A 736 26.91 29.29 1.26
CA GLN A 736 25.93 28.79 2.22
C GLN A 736 24.62 29.60 2.21
N TYR A 737 24.59 30.67 1.42
CA TYR A 737 23.40 31.54 1.34
C TYR A 737 23.19 31.99 -0.09
N ARG A 738 21.99 32.50 -0.38
CA ARG A 738 21.67 33.02 -1.71
C ARG A 738 20.61 34.11 -1.68
N PHE A 739 20.85 35.17 -2.43
CA PHE A 739 19.88 36.24 -2.57
C PHE A 739 19.01 36.05 -3.80
N GLY A 740 17.73 35.77 -3.57
CA GLY A 740 16.78 35.61 -4.66
C GLY A 740 15.99 36.89 -4.92
N ILE A 741 15.16 36.85 -5.96
CA ILE A 741 14.36 38.01 -6.40
C ILE A 741 13.45 38.56 -5.29
N THR A 742 12.95 37.69 -4.43
CA THR A 742 12.04 38.08 -3.32
C THR A 742 12.42 37.45 -1.99
N LYS A 743 13.36 36.50 -2.00
CA LYS A 743 13.68 35.69 -0.82
C LYS A 743 15.16 35.46 -0.58
N ILE A 744 15.50 35.25 0.69
CA ILE A 744 16.81 34.77 1.10
C ILE A 744 16.73 33.25 1.25
N PHE A 745 17.52 32.53 0.45
CA PHE A 745 17.63 31.05 0.49
C PHE A 745 18.83 30.61 1.32
N PHE A 746 18.66 29.61 2.17
CA PHE A 746 19.76 29.09 2.99
C PHE A 746 19.85 27.55 3.01
N ARG A 747 20.90 27.04 3.66
CA ARG A 747 21.11 25.59 3.83
C ARG A 747 20.87 25.17 5.30
MG MG B . -0.41 -2.61 4.32
V VO4 C . 0.94 -4.20 1.50
O1 VO4 C . -0.17 -3.82 2.70
O2 VO4 C . 1.33 -5.93 1.26
O3 VO4 C . 1.71 -3.02 0.47
O4 VO4 C . -0.67 -4.27 0.09
MG MG D . 3.33 -15.83 -17.51
O2 BL4 E . -4.42 1.74 -2.92
C4 BL4 E . -5.50 1.80 -3.55
C3 BL4 E . -6.35 0.55 -3.66
O1 BL4 E . -7.49 0.72 -2.69
C2 BL4 E . -5.70 -0.87 -3.43
C1 BL4 E . -6.52 -1.73 -4.38
N1 BL4 E . -7.17 -0.84 -5.38
C12 BL4 E . -7.99 -1.45 -6.38
C17 BL4 E . -8.63 -2.69 -6.22
C16 BL4 E . -9.39 -3.23 -7.29
C15 BL4 E . -9.48 -2.51 -8.52
C14 BL4 E . -8.84 -1.28 -8.69
C13 BL4 E . -8.10 -0.75 -7.61
C11 BL4 E . -6.90 0.43 -5.11
N2 BL4 E . -7.39 1.60 -5.67
C10 BL4 E . -7.00 2.83 -5.23
C5 BL4 E . -6.06 2.99 -4.17
C9 BL4 E . -7.63 3.91 -5.91
C8 BL4 E . -7.27 5.23 -5.52
C7 BL4 E . -6.32 5.42 -4.44
C6 BL4 E . -5.72 4.33 -3.79
C18 BL4 E . -4.74 4.69 -2.67
PB ADP F . 2.81 -3.12 3.98
O1B ADP F . 1.64 -2.41 4.61
O2B ADP F . 3.93 -2.23 3.54
O3B ADP F . 2.54 -4.13 2.87
PA ADP F . 3.19 -4.18 6.65
O1A ADP F . 3.28 -2.90 7.39
O2A ADP F . 1.90 -4.97 6.77
O3A ADP F . 3.50 -4.07 5.08
O5' ADP F . 4.39 -5.14 7.12
C5' ADP F . 4.42 -6.54 6.85
C4' ADP F . 4.87 -7.30 8.10
O4' ADP F . 6.21 -6.91 8.40
C3' ADP F . 4.09 -6.93 9.36
O3' ADP F . 2.87 -7.66 9.50
C2' ADP F . 5.05 -7.24 10.48
O2' ADP F . 5.19 -8.66 10.71
C1' ADP F . 6.34 -6.79 9.83
N9 ADP F . 6.73 -5.41 10.20
C8 ADP F . 6.75 -4.31 9.38
N7 ADP F . 7.22 -3.21 10.02
C5 ADP F . 7.52 -3.62 11.29
C6 ADP F . 8.03 -2.97 12.51
N6 ADP F . 8.38 -1.66 12.49
N1 ADP F . 8.17 -3.74 13.61
C2 ADP F . 7.89 -5.06 13.63
N3 ADP F . 7.41 -5.75 12.58
C4 ADP F . 7.18 -5.06 11.40
#